data_7XT8
#
_entry.id   7XT8
#
_cell.length_a   1.00
_cell.length_b   1.00
_cell.length_c   1.00
_cell.angle_alpha   90.00
_cell.angle_beta   90.00
_cell.angle_gamma   90.00
#
_symmetry.space_group_name_H-M   'P 1'
#
loop_
_entity.id
_entity.type
_entity.pdbx_description
1 polymer 'Guanine nucleotide-binding protein G(s) subunit alpha isoforms short'
2 polymer 'Guanine nucleotide-binding protein G(I)/G(S)/G(T) subunit beta-1'
3 polymer 'Guanine nucleotide-binding protein G(I)/G(S)/G(O) subunit gamma-2'
4 polymer Nanobody35
5 polymer 'Soluble cytochrome b562,5-hydroxytryptamine receptor 4'
6 non-polymer CHOLESTEROL
7 non-polymer 'PALMITIC ACID'
8 non-polymer SEROTONIN
#
loop_
_entity_poly.entity_id
_entity_poly.type
_entity_poly.pdbx_seq_one_letter_code
_entity_poly.pdbx_strand_id
1 'polypeptide(L)'
;MGCLGNSKTEDQRNEEKAQREANKKIEKQLQKDKQVYRATHRLLLLGAGESGKNTIVKQMRILHVNGFNGEGGEEDPQAA
RSNSDGEKATKVQDIKNNLKEAIETIVAAMSNLVPPVELANPENQFRVDYILSVMNVPDFDFPPEFYEHAKALWEDEGVR
ACYERSNEYQLIDCAQYFLDKIDVIKQADYVPSDQDLLRCRVLTSGIFETKFQVDKVNFHMFDVGAQRDERRKWIQCFND
VTAIIFVVASSSYNMVIREDNQTNRLQAALKLFDSIWNNKWLRDTSVILFLNKQDLLAEKVLAGKSKIEDYFPEFARYTT
PEDATPEPGEDPRVTRAKYFIRDEFLRISTASGDGRHYCYPHFTCAVDTENIRRVFNDCRDIIQRMHLRQYELL
;
A
2 'polypeptide(L)'
;MGSLLQSELDQLRQEAEQLKNQIRDARKACADATLSQITNNIDPVGRIQMRTRRTLRGHLAKIYAMHWGTDSRLLVSASQ
DGKLIIWDSYTTNKVHAIPLRSSWVMTCAYAPSGNYVACGGLDNICSIYNLKTREGNVRVSRELAGHTGYLSCCRFLDDN
QIVTSSGDTTCALWDIETGQQTTTFTGHTGDVMSLSLAPDTRLFVSGACDASAKLWDVREGMCRQTFTGHESDINAICFF
PNGNAFATGSDDATCRLFDLRADQELMTYSHDNIICGITSVSFSKSGRLLLAGYDDFNCNVWDALKADRAGVLAGHDNRV
SCLGVTDDGMAVATGSWDSFLKIWN
;
B
3 'polypeptide(L)' MASNNTASIAQARKLVEQLKMEANIDRIKVSKAAADLMAYCEAHAKEDPLLTPVPASENPFREKKFFCAIL G
4 'polypeptide(L)'
;MQVQLQESGGGLVQPGGSLRLSCAASGFTFSNYKMNWVRQAPGKGLEWVSDISQSGASISYTGSVKGRFTISRDNAKNTL
YLQMNSLKPEDTAVYYCARCPAPFTRDCFDVTSTTYAYRGQGTQVTVSSHHHHHHEPEA
;
N
5 'polypeptide(L)'
;DYKDDDDAKLQTMHHHHHHHHHHADLEDNWETLNDNLKVIEKADNAAQVKDALTKMRAAALDAQKATPPKLEDKSPDSPE
MKDFRHGFDILVGQIDDALKLANEGKVKEAQAAAEQLKTTRNAYIQKYLASENLYFQGGTDKLDANVSSEEGFGSVEKVV
LLTFLSTVILMAILGNLLVMVAVCWDRQLRKIKTNYFIVSLAFADLLVSVLVMPFGAIELVQDIWIYGEVFCLVRTSLDV
LLTTASIFHLCCISLDRYYAICCQPLVYRNKMTPLRIALMLGGCWVIPTFISFLPIMQGWNNIGIIDLIEKRKFNQNSNS
TYCVFMVNKPYAITCSVVAFYIPFLLMVLAYYRIYVTAKEHAHQIQMLQRAGASSESRPQSADQHSTHRMRTETKAAKTL
CIIMGCFCLCWAPFFVTNIVDPFIDYTVPGQVWTAFLWLGYINSGLNPFLYAFLNKSFRRAFLIILCCDDERYRRPSILG
QTVPCSTTTINGSTHVLRDAVECGGQWESQCHPPATSPLVAAQPSDT
;
R
#
loop_
_chem_comp.id
_chem_comp.type
_chem_comp.name
_chem_comp.formula
CLR non-polymer CHOLESTEROL 'C27 H46 O'
PLM non-polymer 'PALMITIC ACID' 'C16 H32 O2'
SRO non-polymer SEROTONIN 'C10 H12 N2 O'
#
# COMPACT_ATOMS: atom_id res chain seq x y z
N THR A 9 -25.32 32.74 -21.61
CA THR A 9 -26.20 31.89 -20.76
C THR A 9 -26.09 32.29 -19.30
N GLU A 10 -27.17 32.82 -18.74
CA GLU A 10 -27.17 33.29 -17.35
C GLU A 10 -27.55 32.18 -16.38
N ASP A 11 -28.54 31.35 -16.71
CA ASP A 11 -28.91 30.25 -15.83
C ASP A 11 -27.76 29.26 -15.67
N GLN A 12 -27.09 28.94 -16.78
CA GLN A 12 -25.95 28.03 -16.70
C GLN A 12 -24.84 28.62 -15.84
N ARG A 13 -24.55 29.91 -16.02
CA ARG A 13 -23.50 30.54 -15.23
C ARG A 13 -23.86 30.56 -13.75
N ASN A 14 -25.14 30.81 -13.43
CA ASN A 14 -25.56 30.75 -12.04
C ASN A 14 -25.41 29.34 -11.46
N GLU A 15 -25.74 28.33 -12.26
CA GLU A 15 -25.57 26.95 -11.80
C GLU A 15 -24.10 26.64 -11.54
N GLU A 16 -23.21 27.08 -12.43
CA GLU A 16 -21.79 26.86 -12.21
C GLU A 16 -21.30 27.60 -10.97
N LYS A 17 -21.81 28.82 -10.74
CA LYS A 17 -21.41 29.56 -9.55
C LYS A 17 -21.86 28.83 -8.28
N ALA A 18 -23.08 28.32 -8.28
CA ALA A 18 -23.55 27.56 -7.11
C ALA A 18 -22.70 26.31 -6.90
N GLN A 19 -22.39 25.60 -7.98
CA GLN A 19 -21.56 24.40 -7.87
C GLN A 19 -20.17 24.76 -7.35
N ARG A 20 -19.61 25.89 -7.79
CA ARG A 20 -18.29 26.30 -7.33
C ARG A 20 -18.33 26.68 -5.85
N GLU A 21 -19.40 27.34 -5.41
CA GLU A 21 -19.52 27.66 -3.98
C GLU A 21 -19.60 26.39 -3.15
N ALA A 22 -20.40 25.42 -3.60
CA ALA A 22 -20.47 24.15 -2.89
C ALA A 22 -19.11 23.46 -2.88
N ASN A 23 -18.40 23.52 -4.02
CA ASN A 23 -17.07 22.93 -4.10
C ASN A 23 -16.12 23.59 -3.09
N LYS A 24 -16.17 24.91 -2.98
CA LYS A 24 -15.29 25.61 -2.04
C LYS A 24 -15.63 25.21 -0.60
N LYS A 25 -16.91 25.12 -0.27
CA LYS A 25 -17.29 24.70 1.07
C LYS A 25 -16.80 23.29 1.36
N ILE A 26 -16.95 22.39 0.38
CA ILE A 26 -16.51 21.01 0.57
C ILE A 26 -15.01 20.94 0.70
N GLU A 27 -14.28 21.77 -0.05
CA GLU A 27 -12.83 21.80 0.04
C GLU A 27 -12.37 22.30 1.40
N LYS A 28 -13.04 23.32 1.94
CA LYS A 28 -12.69 23.79 3.28
C LYS A 28 -12.95 22.69 4.31
N GLN A 29 -14.09 22.02 4.22
CA GLN A 29 -14.39 20.93 5.14
C GLN A 29 -13.36 19.82 5.02
N LEU A 30 -12.98 19.46 3.79
CA LEU A 30 -11.99 18.41 3.58
C LEU A 30 -10.61 18.83 4.05
N GLN A 31 -10.27 20.11 3.96
CA GLN A 31 -9.01 20.59 4.50
C GLN A 31 -8.97 20.43 6.02
N LYS A 32 -10.06 20.83 6.69
CA LYS A 32 -10.12 20.63 8.14
C LYS A 32 -10.05 19.15 8.50
N ASP A 33 -10.75 18.31 7.73
CA ASP A 33 -10.73 16.87 7.98
C ASP A 33 -9.35 16.28 7.74
N LYS A 34 -8.63 16.75 6.71
CA LYS A 34 -7.27 16.30 6.48
C LYS A 34 -6.36 16.72 7.63
N GLN A 35 -6.53 17.96 8.12
CA GLN A 35 -5.71 18.42 9.24
C GLN A 35 -5.92 17.54 10.47
N VAL A 36 -7.18 17.23 10.78
CA VAL A 36 -7.44 16.38 11.95
C VAL A 36 -6.98 14.95 11.69
N TYR A 37 -7.11 14.46 10.47
CA TYR A 37 -6.76 13.07 10.15
C TYR A 37 -5.26 12.85 10.26
N ARG A 38 -4.46 13.79 9.72
CA ARG A 38 -3.01 13.62 9.77
C ARG A 38 -2.49 13.59 11.20
N ALA A 39 -3.22 14.22 12.13
CA ALA A 39 -2.82 14.25 13.53
C ALA A 39 -3.08 12.94 14.26
N THR A 40 -3.77 11.99 13.63
CA THR A 40 -4.14 10.73 14.24
C THR A 40 -3.31 9.59 13.68
N HIS A 41 -2.84 8.71 14.56
CA HIS A 41 -2.07 7.53 14.19
C HIS A 41 -2.96 6.31 14.38
N ARG A 42 -3.34 5.67 13.27
CA ARG A 42 -4.20 4.51 13.32
C ARG A 42 -3.40 3.26 13.62
N LEU A 43 -3.98 2.37 14.44
CA LEU A 43 -3.34 1.13 14.83
C LEU A 43 -4.32 -0.02 14.69
N LEU A 44 -3.80 -1.20 14.34
CA LEU A 44 -4.58 -2.41 14.22
C LEU A 44 -4.18 -3.37 15.33
N LEU A 45 -5.17 -3.87 16.08
CA LEU A 45 -4.94 -4.80 17.17
C LEU A 45 -5.36 -6.19 16.72
N LEU A 46 -4.45 -7.15 16.82
CA LEU A 46 -4.70 -8.52 16.39
C LEU A 46 -4.14 -9.49 17.41
N GLY A 47 -4.69 -10.69 17.42
CA GLY A 47 -4.24 -11.72 18.33
C GLY A 47 -5.21 -12.87 18.36
N ALA A 48 -4.81 -13.91 19.10
CA ALA A 48 -5.64 -15.09 19.24
C ALA A 48 -6.83 -14.80 20.15
N GLY A 49 -7.88 -15.61 19.98
CA GLY A 49 -9.08 -15.42 20.79
C GLY A 49 -8.81 -15.62 22.27
N GLU A 50 -7.93 -16.56 22.61
CA GLU A 50 -7.58 -16.84 23.99
C GLU A 50 -6.52 -15.90 24.55
N SER A 51 -5.96 -15.03 23.71
CA SER A 51 -4.95 -14.09 24.17
C SER A 51 -5.56 -13.00 25.03
N GLY A 52 -4.71 -12.20 25.66
CA GLY A 52 -5.16 -11.13 26.52
C GLY A 52 -5.47 -9.84 25.76
N LYS A 53 -5.92 -9.98 24.51
CA LYS A 53 -6.25 -8.80 23.72
C LYS A 53 -7.39 -8.02 24.37
N ASN A 54 -8.43 -8.71 24.84
CA ASN A 54 -9.55 -8.04 25.48
C ASN A 54 -9.11 -7.32 26.75
N THR A 55 -8.24 -7.96 27.55
CA THR A 55 -7.74 -7.31 28.76
C THR A 55 -6.93 -6.07 28.43
N ILE A 56 -6.10 -6.14 27.39
CA ILE A 56 -5.32 -4.98 26.97
C ILE A 56 -6.25 -3.86 26.52
N VAL A 57 -7.29 -4.19 25.77
CA VAL A 57 -8.25 -3.18 25.32
C VAL A 57 -8.92 -2.52 26.52
N LYS A 58 -9.35 -3.33 27.49
CA LYS A 58 -9.99 -2.78 28.67
C LYS A 58 -9.04 -1.87 29.45
N GLN A 59 -7.79 -2.29 29.61
CA GLN A 59 -6.83 -1.47 30.33
C GLN A 59 -6.58 -0.14 29.62
N MET A 60 -6.40 -0.18 28.31
CA MET A 60 -6.17 1.06 27.57
C MET A 60 -7.38 1.98 27.61
N ARG A 61 -8.59 1.40 27.52
CA ARG A 61 -9.79 2.23 27.63
C ARG A 61 -9.88 2.89 28.99
N ILE A 62 -9.55 2.14 30.06
CA ILE A 62 -9.59 2.68 31.41
C ILE A 62 -8.52 3.75 31.57
N THR A 204 -22.69 -6.13 18.28
CA THR A 204 -21.73 -7.02 17.66
C THR A 204 -21.17 -6.40 16.37
N SER A 205 -20.68 -5.17 16.48
CA SER A 205 -20.11 -4.50 15.33
C SER A 205 -18.83 -5.19 14.88
N GLY A 206 -18.56 -5.10 13.58
CA GLY A 206 -17.38 -5.76 13.03
C GLY A 206 -16.07 -5.11 13.41
N ILE A 207 -16.09 -3.83 13.76
CA ILE A 207 -14.88 -3.11 14.15
C ILE A 207 -15.18 -2.36 15.45
N PHE A 208 -14.28 -2.49 16.42
CA PHE A 208 -14.37 -1.77 17.68
C PHE A 208 -13.18 -0.81 17.77
N GLU A 209 -13.47 0.46 18.03
CA GLU A 209 -12.47 1.51 18.08
C GLU A 209 -12.37 2.07 19.49
N THR A 210 -11.14 2.31 19.94
CA THR A 210 -10.87 2.86 21.26
C THR A 210 -10.05 4.14 21.10
N LYS A 211 -10.42 5.18 21.85
CA LYS A 211 -9.76 6.47 21.79
C LYS A 211 -8.83 6.62 22.99
N PHE A 212 -7.55 6.90 22.72
CA PHE A 212 -6.59 7.14 23.77
C PHE A 212 -5.50 8.08 23.24
N GLN A 213 -5.03 8.97 24.12
CA GLN A 213 -4.08 10.00 23.75
C GLN A 213 -2.85 9.90 24.65
N VAL A 214 -1.67 10.04 24.04
CA VAL A 214 -0.40 10.00 24.75
C VAL A 214 0.41 11.21 24.33
N ASP A 215 0.85 12.00 25.30
CA ASP A 215 1.66 13.20 25.04
C ASP A 215 0.98 14.10 24.00
N LYS A 216 -0.33 14.28 24.16
CA LYS A 216 -1.13 15.11 23.26
C LYS A 216 -1.07 14.60 21.82
N VAL A 217 -0.90 13.29 21.66
CA VAL A 217 -0.91 12.63 20.35
C VAL A 217 -2.07 11.66 20.32
N ASN A 218 -2.96 11.82 19.35
CA ASN A 218 -4.16 11.01 19.25
C ASN A 218 -3.86 9.71 18.53
N PHE A 219 -4.38 8.61 19.07
CA PHE A 219 -4.23 7.28 18.48
C PHE A 219 -5.60 6.63 18.36
N HIS A 220 -5.83 5.96 17.23
CA HIS A 220 -7.06 5.21 16.98
C HIS A 220 -6.70 3.74 16.85
N MET A 221 -7.10 2.94 17.82
CA MET A 221 -6.86 1.51 17.83
C MET A 221 -8.14 0.78 17.45
N PHE A 222 -8.06 -0.06 16.41
CA PHE A 222 -9.21 -0.78 15.89
C PHE A 222 -9.07 -2.25 16.24
N ASP A 223 -10.07 -2.79 16.93
CA ASP A 223 -10.11 -4.19 17.29
C ASP A 223 -11.09 -4.89 16.35
N VAL A 224 -10.60 -5.87 15.60
CA VAL A 224 -11.40 -6.57 14.59
C VAL A 224 -12.14 -7.69 15.30
N GLY A 225 -13.42 -7.45 15.61
CA GLY A 225 -14.27 -8.43 16.24
C GLY A 225 -15.46 -8.76 15.35
N ALA A 226 -16.14 -9.85 15.72
CA ALA A 226 -17.30 -10.33 14.97
C ALA A 226 -16.97 -10.53 13.50
N GLN A 227 -15.78 -11.04 13.23
CA GLN A 227 -15.32 -11.30 11.87
C GLN A 227 -14.88 -12.76 11.75
N ARG A 228 -15.09 -13.32 10.57
CA ARG A 228 -14.73 -14.71 10.33
C ARG A 228 -13.21 -14.86 10.32
N ASP A 229 -12.76 -16.11 10.51
CA ASP A 229 -11.33 -16.39 10.62
C ASP A 229 -10.58 -16.16 9.32
N GLU A 230 -11.26 -15.97 8.20
CA GLU A 230 -10.61 -15.66 6.93
C GLU A 230 -10.13 -14.22 6.97
N ARG A 231 -8.81 -14.03 7.06
CA ARG A 231 -8.23 -12.70 7.22
C ARG A 231 -7.52 -12.18 5.97
N ARG A 232 -7.30 -13.03 4.96
CA ARG A 232 -6.47 -12.62 3.83
C ARG A 232 -7.10 -11.49 3.02
N LYS A 233 -8.39 -11.22 3.20
CA LYS A 233 -9.07 -10.19 2.42
C LYS A 233 -9.24 -8.89 3.21
N TRP A 234 -9.87 -8.94 4.37
CA TRP A 234 -10.11 -7.71 5.13
C TRP A 234 -8.86 -7.18 5.80
N ILE A 235 -7.79 -7.99 5.89
CA ILE A 235 -6.54 -7.48 6.45
C ILE A 235 -5.95 -6.42 5.55
N GLN A 236 -6.20 -6.49 4.24
CA GLN A 236 -5.64 -5.52 3.31
C GLN A 236 -6.12 -4.10 3.60
N CYS A 237 -7.27 -3.95 4.26
CA CYS A 237 -7.78 -2.62 4.57
C CYS A 237 -6.88 -1.85 5.52
N PHE A 238 -6.02 -2.55 6.27
CA PHE A 238 -5.14 -1.93 7.25
C PHE A 238 -3.70 -1.81 6.75
N ASN A 239 -3.51 -1.62 5.44
CA ASN A 239 -2.16 -1.49 4.90
C ASN A 239 -1.52 -0.17 5.29
N ASP A 240 -2.33 0.87 5.50
CA ASP A 240 -1.82 2.20 5.77
C ASP A 240 -1.72 2.51 7.27
N VAL A 241 -2.05 1.55 8.14
CA VAL A 241 -1.96 1.79 9.57
C VAL A 241 -0.50 1.97 9.97
N THR A 242 -0.28 2.75 11.03
CA THR A 242 1.09 3.01 11.48
C THR A 242 1.76 1.72 11.92
N ALA A 243 1.05 0.88 12.67
CA ALA A 243 1.61 -0.38 13.15
C ALA A 243 0.48 -1.36 13.42
N ILE A 244 0.84 -2.64 13.45
CA ILE A 244 -0.09 -3.71 13.78
C ILE A 244 0.36 -4.32 15.09
N ILE A 245 -0.47 -4.20 16.12
CA ILE A 245 -0.16 -4.70 17.46
C ILE A 245 -0.63 -6.16 17.50
N PHE A 246 0.33 -7.08 17.40
CA PHE A 246 0.06 -8.51 17.40
C PHE A 246 0.26 -9.03 18.82
N VAL A 247 -0.82 -9.48 19.46
CA VAL A 247 -0.78 -9.99 20.82
C VAL A 247 -0.75 -11.51 20.76
N VAL A 248 0.25 -12.10 21.41
CA VAL A 248 0.45 -13.54 21.42
C VAL A 248 0.51 -14.02 22.86
N ALA A 249 -0.21 -15.10 23.15
CA ALA A 249 -0.17 -15.74 24.47
C ALA A 249 1.07 -16.61 24.53
N SER A 250 2.15 -16.05 25.07
CA SER A 250 3.42 -16.78 25.13
C SER A 250 3.30 -18.06 25.94
N SER A 251 2.36 -18.12 26.87
CA SER A 251 2.17 -19.31 27.70
C SER A 251 1.40 -20.40 26.99
N SER A 252 0.85 -20.13 25.81
CA SER A 252 0.04 -21.11 25.07
C SER A 252 0.90 -22.04 24.22
N TYR A 253 2.19 -22.16 24.53
CA TYR A 253 3.06 -23.07 23.78
C TYR A 253 2.56 -24.51 23.86
N ASN A 254 1.79 -24.86 24.89
CA ASN A 254 1.31 -26.22 25.08
C ASN A 254 -0.19 -26.33 25.26
N MET A 255 -0.88 -25.27 25.65
CA MET A 255 -2.33 -25.34 25.83
C MET A 255 -3.03 -25.26 24.47
N THR A 263 -4.17 -28.03 21.59
CA THR A 263 -3.34 -27.62 20.46
C THR A 263 -2.45 -26.44 20.84
N ASN A 264 -1.22 -26.46 20.34
CA ASN A 264 -0.24 -25.41 20.64
C ASN A 264 -0.62 -24.16 19.85
N ARG A 265 -1.30 -23.22 20.51
CA ARG A 265 -1.69 -21.98 19.85
C ARG A 265 -0.49 -21.12 19.48
N LEU A 266 0.67 -21.37 20.10
CA LEU A 266 1.86 -20.58 19.76
C LEU A 266 2.27 -20.79 18.32
N GLN A 267 2.19 -22.02 17.82
CA GLN A 267 2.52 -22.29 16.43
C GLN A 267 1.56 -21.58 15.49
N ALA A 268 0.26 -21.59 15.83
CA ALA A 268 -0.71 -20.88 15.02
C ALA A 268 -0.44 -19.38 15.01
N ALA A 269 -0.09 -18.82 16.17
CA ALA A 269 0.25 -17.41 16.23
C ALA A 269 1.48 -17.10 15.39
N LEU A 270 2.48 -17.98 15.42
CA LEU A 270 3.68 -17.78 14.61
C LEU A 270 3.34 -17.81 13.14
N LYS A 271 2.49 -18.75 12.72
CA LYS A 271 2.10 -18.82 11.31
C LYS A 271 1.32 -17.57 10.90
N LEU A 272 0.42 -17.10 11.77
CA LEU A 272 -0.32 -15.88 11.45
C LEU A 272 0.62 -14.69 11.33
N PHE A 273 1.60 -14.59 12.24
CA PHE A 273 2.58 -13.51 12.17
C PHE A 273 3.38 -13.59 10.88
N ASP A 274 3.77 -14.80 10.47
CA ASP A 274 4.50 -14.96 9.22
C ASP A 274 3.66 -14.53 8.03
N SER A 275 2.39 -14.91 8.02
CA SER A 275 1.50 -14.52 6.93
C SER A 275 1.34 -13.00 6.88
N ILE A 276 1.19 -12.37 8.04
CA ILE A 276 1.05 -10.92 8.09
C ILE A 276 2.33 -10.25 7.59
N TRP A 277 3.49 -10.75 8.03
CA TRP A 277 4.76 -10.12 7.66
C TRP A 277 5.02 -10.25 6.17
N ASN A 278 4.72 -11.42 5.60
CA ASN A 278 5.02 -11.66 4.19
C ASN A 278 3.91 -11.20 3.24
N ASN A 279 2.83 -10.62 3.76
CA ASN A 279 1.79 -10.11 2.88
C ASN A 279 2.34 -9.00 1.99
N LYS A 280 1.91 -9.01 0.73
CA LYS A 280 2.39 -8.00 -0.21
C LYS A 280 1.97 -6.60 0.20
N TRP A 281 0.74 -6.45 0.67
CA TRP A 281 0.21 -5.13 1.02
C TRP A 281 0.64 -4.67 2.41
N LEU A 282 1.19 -5.54 3.23
CA LEU A 282 1.65 -5.18 4.57
C LEU A 282 3.18 -5.10 4.65
N ARG A 283 3.86 -5.00 3.51
CA ARG A 283 5.32 -4.94 3.52
C ARG A 283 5.83 -3.67 4.19
N ASP A 284 5.03 -2.60 4.17
CA ASP A 284 5.42 -1.32 4.75
C ASP A 284 4.79 -1.07 6.11
N THR A 285 4.14 -2.08 6.69
CA THR A 285 3.46 -1.94 7.98
C THR A 285 4.29 -2.61 9.06
N SER A 286 4.68 -1.83 10.07
CA SER A 286 5.40 -2.38 11.20
C SER A 286 4.45 -3.17 12.11
N VAL A 287 5.02 -4.12 12.84
CA VAL A 287 4.26 -4.99 13.74
C VAL A 287 4.80 -4.80 15.15
N ILE A 288 3.90 -4.49 16.08
CA ILE A 288 4.24 -4.36 17.50
C ILE A 288 3.87 -5.69 18.15
N LEU A 289 4.88 -6.50 18.43
CA LEU A 289 4.66 -7.86 18.96
C LEU A 289 4.59 -7.78 20.48
N PHE A 290 3.40 -8.00 21.03
CA PHE A 290 3.21 -8.07 22.48
C PHE A 290 3.14 -9.53 22.88
N LEU A 291 4.20 -10.00 23.56
CA LEU A 291 4.22 -11.36 24.10
C LEU A 291 3.50 -11.34 25.46
N ASN A 292 2.18 -11.46 25.40
CA ASN A 292 1.33 -11.32 26.57
C ASN A 292 1.37 -12.57 27.43
N LYS A 293 0.71 -12.48 28.60
CA LYS A 293 0.61 -13.61 29.53
C LYS A 293 1.99 -14.09 29.97
N GLN A 294 2.89 -13.15 30.25
CA GLN A 294 4.22 -13.51 30.73
C GLN A 294 4.15 -14.16 32.11
N ASP A 295 3.25 -13.67 32.97
CA ASP A 295 3.14 -14.23 34.31
C ASP A 295 2.77 -15.71 34.26
N LEU A 296 1.79 -16.06 33.41
CA LEU A 296 1.40 -17.46 33.28
C LEU A 296 2.55 -18.31 32.76
N LEU A 297 3.29 -17.79 31.77
CA LEU A 297 4.43 -18.53 31.24
C LEU A 297 5.47 -18.78 32.33
N ALA A 298 5.79 -17.75 33.11
CA ALA A 298 6.76 -17.91 34.19
C ALA A 298 6.27 -18.91 35.22
N GLU A 299 5.00 -18.84 35.59
CA GLU A 299 4.46 -19.76 36.58
C GLU A 299 4.51 -21.20 36.08
N LYS A 300 4.16 -21.42 34.81
CA LYS A 300 4.19 -22.77 34.27
C LYS A 300 5.61 -23.29 34.16
N VAL A 301 6.56 -22.44 33.76
CA VAL A 301 7.95 -22.87 33.66
C VAL A 301 8.50 -23.24 35.04
N LEU A 302 8.24 -22.38 36.03
CA LEU A 302 8.73 -22.65 37.39
C LEU A 302 8.06 -23.89 37.97
N ALA A 303 6.76 -24.05 37.75
CA ALA A 303 6.03 -25.18 38.32
C ALA A 303 6.41 -26.51 37.70
N GLY A 304 7.14 -26.50 36.58
CA GLY A 304 7.53 -27.74 35.92
C GLY A 304 6.52 -28.25 34.91
N LYS A 305 5.35 -27.63 34.80
CA LYS A 305 4.37 -28.05 33.81
C LYS A 305 4.85 -27.80 32.38
N SER A 306 5.81 -26.89 32.20
CA SER A 306 6.29 -26.56 30.86
C SER A 306 6.90 -27.80 30.20
N LYS A 307 6.55 -28.01 28.93
CA LYS A 307 7.11 -29.08 28.12
C LYS A 307 7.56 -28.56 26.77
N ILE A 308 7.97 -27.30 26.71
CA ILE A 308 8.39 -26.70 25.44
C ILE A 308 9.59 -27.42 24.86
N GLU A 309 10.32 -28.18 25.68
CA GLU A 309 11.53 -28.83 25.19
C GLU A 309 11.23 -29.75 24.01
N ASP A 310 10.11 -30.47 24.05
CA ASP A 310 9.71 -31.33 22.95
C ASP A 310 8.76 -30.67 21.97
N TYR A 311 7.92 -29.73 22.43
CA TYR A 311 7.07 -29.00 21.50
C TYR A 311 7.91 -28.18 20.53
N PHE A 312 9.00 -27.58 21.01
CA PHE A 312 9.95 -26.83 20.18
C PHE A 312 11.33 -27.45 20.43
N PRO A 313 11.72 -28.44 19.62
CA PRO A 313 13.01 -29.12 19.88
C PRO A 313 14.20 -28.20 19.79
N GLU A 314 14.09 -27.05 19.11
CA GLU A 314 15.21 -26.12 19.05
C GLU A 314 15.52 -25.50 20.40
N PHE A 315 14.64 -25.68 21.39
CA PHE A 315 14.88 -25.10 22.71
C PHE A 315 16.15 -25.66 23.34
N ALA A 316 16.38 -26.97 23.19
CA ALA A 316 17.56 -27.59 23.79
C ALA A 316 18.84 -26.91 23.29
N ARG A 317 18.97 -26.74 21.98
CA ARG A 317 20.16 -26.10 21.43
C ARG A 317 20.18 -24.61 21.71
N TYR A 318 19.01 -24.01 21.96
CA TYR A 318 18.93 -22.57 22.16
C TYR A 318 19.60 -22.18 23.49
N THR A 319 20.12 -20.96 23.52
CA THR A 319 20.74 -20.39 24.71
C THR A 319 20.32 -18.94 24.86
N THR A 320 20.34 -18.45 26.08
CA THR A 320 19.92 -17.08 26.36
C THR A 320 20.89 -16.11 25.70
N PRO A 321 20.42 -15.16 24.89
CA PRO A 321 21.33 -14.19 24.28
C PRO A 321 22.01 -13.34 25.34
N GLU A 322 23.26 -12.95 25.05
CA GLU A 322 24.00 -12.08 25.95
C GLU A 322 23.33 -10.72 26.08
N ASP A 323 22.65 -10.27 25.02
CA ASP A 323 21.96 -8.99 25.04
C ASP A 323 20.72 -8.99 25.93
N ALA A 324 20.31 -10.15 26.43
CA ALA A 324 19.11 -10.24 27.25
C ALA A 324 19.27 -9.40 28.51
N THR A 325 18.16 -8.79 28.94
CA THR A 325 18.11 -7.95 30.13
C THR A 325 16.98 -8.43 31.04
N PRO A 326 17.17 -9.58 31.69
CA PRO A 326 16.10 -10.11 32.54
C PRO A 326 15.79 -9.18 33.72
N GLU A 327 14.53 -9.18 34.14
CA GLU A 327 14.13 -8.36 35.25
C GLU A 327 14.73 -8.89 36.55
N PRO A 328 14.84 -8.05 37.58
CA PRO A 328 15.41 -8.51 38.85
C PRO A 328 14.63 -9.69 39.41
N GLY A 329 15.36 -10.66 39.94
CA GLY A 329 14.74 -11.84 40.52
C GLY A 329 14.13 -12.80 39.53
N GLU A 330 14.41 -12.63 38.24
CA GLU A 330 13.81 -13.50 37.23
C GLU A 330 14.61 -14.79 37.11
N ASP A 331 13.91 -15.92 37.15
CA ASP A 331 14.58 -17.21 37.08
C ASP A 331 15.24 -17.38 35.72
N PRO A 332 16.44 -17.98 35.65
CA PRO A 332 17.07 -18.18 34.34
C PRO A 332 16.21 -18.96 33.36
N ARG A 333 15.46 -19.96 33.83
CA ARG A 333 14.60 -20.72 32.92
C ARG A 333 13.53 -19.83 32.31
N VAL A 334 12.94 -18.93 33.12
CA VAL A 334 11.91 -18.03 32.62
C VAL A 334 12.49 -17.13 31.55
N THR A 335 13.67 -16.57 31.80
CA THR A 335 14.33 -15.72 30.82
C THR A 335 14.62 -16.48 29.53
N ARG A 336 15.12 -17.71 29.67
CA ARG A 336 15.42 -18.51 28.49
C ARG A 336 14.17 -18.77 27.66
N ALA A 337 13.08 -19.15 28.32
CA ALA A 337 11.84 -19.42 27.59
C ALA A 337 11.32 -18.14 26.92
N LYS A 338 11.33 -17.03 27.64
CA LYS A 338 10.85 -15.76 27.09
C LYS A 338 11.64 -15.38 25.85
N TYR A 339 12.97 -15.47 25.94
CA TYR A 339 13.79 -15.02 24.82
C TYR A 339 13.75 -16.02 23.68
N PHE A 340 13.54 -17.31 23.95
CA PHE A 340 13.32 -18.27 22.88
C PHE A 340 12.03 -17.94 22.12
N ILE A 341 10.97 -17.64 22.86
CA ILE A 341 9.70 -17.29 22.21
C ILE A 341 9.86 -16.02 21.39
N ARG A 342 10.58 -15.03 21.94
CA ARG A 342 10.82 -13.79 21.19
C ARG A 342 11.63 -14.07 19.92
N ASP A 343 12.68 -14.89 20.03
CA ASP A 343 13.51 -15.18 18.87
C ASP A 343 12.75 -15.98 17.83
N GLU A 344 11.74 -16.74 18.25
CA GLU A 344 10.92 -17.45 17.27
C GLU A 344 10.26 -16.48 16.30
N PHE A 345 9.74 -15.37 16.81
CA PHE A 345 9.15 -14.35 15.94
C PHE A 345 10.22 -13.53 15.24
N LEU A 346 11.33 -13.26 15.93
CA LEU A 346 12.41 -12.50 15.30
C LEU A 346 12.96 -13.22 14.07
N ARG A 347 12.98 -14.56 14.11
CA ARG A 347 13.40 -15.32 12.94
C ARG A 347 12.53 -15.01 11.74
N ILE A 348 11.21 -14.98 11.95
CA ILE A 348 10.29 -14.70 10.85
C ILE A 348 10.47 -13.26 10.38
N SER A 349 10.49 -12.30 11.30
CA SER A 349 10.58 -10.90 10.91
C SER A 349 11.94 -10.58 10.31
N THR A 350 13.02 -11.09 10.90
CA THR A 350 14.36 -10.78 10.41
C THR A 350 14.62 -11.43 9.06
N ALA A 351 13.83 -12.44 8.69
CA ALA A 351 14.09 -13.16 7.45
C ALA A 351 13.99 -12.24 6.24
N SER A 352 13.01 -11.32 6.25
CA SER A 352 12.81 -10.45 5.10
C SER A 352 14.07 -9.64 4.80
N GLY A 353 14.63 -9.00 5.82
CA GLY A 353 15.83 -8.21 5.63
C GLY A 353 15.70 -7.10 4.61
N ASP A 354 14.54 -6.43 4.58
CA ASP A 354 14.30 -5.35 3.64
C ASP A 354 14.40 -3.97 4.26
N GLY A 355 14.06 -3.84 5.55
CA GLY A 355 14.14 -2.58 6.24
C GLY A 355 12.94 -1.67 6.05
N ARG A 356 11.95 -2.07 5.25
CA ARG A 356 10.77 -1.24 5.08
C ARG A 356 9.91 -1.23 6.34
N HIS A 357 9.85 -2.35 7.06
CA HIS A 357 9.10 -2.44 8.30
C HIS A 357 9.89 -3.28 9.29
N TYR A 358 9.69 -3.00 10.59
CA TYR A 358 10.43 -3.64 11.65
C TYR A 358 9.47 -4.16 12.72
N CYS A 359 9.92 -5.17 13.46
CA CYS A 359 9.16 -5.74 14.56
C CYS A 359 9.71 -5.21 15.88
N TYR A 360 8.81 -5.00 16.84
CA TYR A 360 9.14 -4.44 18.14
C TYR A 360 8.59 -5.35 19.24
N PRO A 361 9.29 -6.44 19.54
CA PRO A 361 8.81 -7.35 20.60
C PRO A 361 8.81 -6.68 21.96
N HIS A 362 7.86 -7.09 22.80
CA HIS A 362 7.75 -6.59 24.16
C HIS A 362 7.19 -7.69 25.05
N PHE A 363 7.76 -7.80 26.25
CA PHE A 363 7.25 -8.74 27.26
C PHE A 363 6.27 -7.98 28.13
N THR A 364 4.98 -8.25 27.95
CA THR A 364 3.92 -7.52 28.63
C THR A 364 2.97 -8.49 29.30
N CYS A 365 2.26 -7.99 30.32
CA CYS A 365 1.24 -8.73 31.02
C CYS A 365 -0.14 -8.24 30.59
N ALA A 366 -1.16 -9.03 30.92
CA ALA A 366 -2.52 -8.68 30.53
C ALA A 366 -2.95 -7.35 31.16
N VAL A 367 -2.62 -7.14 32.43
CA VAL A 367 -3.01 -5.93 33.14
C VAL A 367 -1.84 -4.94 33.26
N ASP A 368 -0.85 -5.05 32.39
CA ASP A 368 0.28 -4.14 32.44
C ASP A 368 -0.16 -2.72 32.14
N THR A 369 0.34 -1.77 32.94
CA THR A 369 -0.02 -0.37 32.79
C THR A 369 0.89 0.38 31.83
N GLU A 370 1.97 -0.23 31.37
CA GLU A 370 2.91 0.42 30.46
C GLU A 370 2.62 0.13 29.00
N ASN A 371 1.53 -0.59 28.70
CA ASN A 371 1.25 -0.94 27.31
C ASN A 371 1.04 0.30 26.45
N ILE A 372 0.36 1.31 26.99
CA ILE A 372 0.16 2.56 26.24
C ILE A 372 1.51 3.21 25.94
N ARG A 373 2.39 3.27 26.94
CA ARG A 373 3.71 3.85 26.72
C ARG A 373 4.51 3.04 25.71
N ARG A 374 4.41 1.70 25.77
CA ARG A 374 5.09 0.86 24.80
C ARG A 374 4.59 1.15 23.40
N VAL A 375 3.28 1.29 23.22
CA VAL A 375 2.72 1.59 21.90
C VAL A 375 3.21 2.95 21.42
N PHE A 376 3.21 3.94 22.29
CA PHE A 376 3.67 5.28 21.92
C PHE A 376 5.13 5.24 21.48
N ASN A 377 5.97 4.55 22.25
CA ASN A 377 7.39 4.46 21.91
C ASN A 377 7.58 3.71 20.60
N ASP A 378 6.82 2.64 20.38
CA ASP A 378 6.94 1.89 19.13
C ASP A 378 6.55 2.75 17.93
N CYS A 379 5.47 3.52 18.07
CA CYS A 379 5.06 4.40 16.98
C CYS A 379 6.12 5.46 16.71
N ARG A 380 6.68 6.06 17.77
CA ARG A 380 7.72 7.06 17.59
C ARG A 380 8.93 6.45 16.89
N ASP A 381 9.34 5.25 17.31
CA ASP A 381 10.49 4.60 16.68
C ASP A 381 10.21 4.28 15.22
N ILE A 382 8.98 3.84 14.91
CA ILE A 382 8.63 3.52 13.53
C ILE A 382 8.72 4.77 12.67
N ILE A 383 8.15 5.88 13.15
CA ILE A 383 8.20 7.12 12.38
C ILE A 383 9.65 7.58 12.20
N GLN A 384 10.45 7.51 13.27
CA GLN A 384 11.85 7.93 13.17
C GLN A 384 12.61 7.07 12.17
N ARG A 385 12.39 5.76 12.19
CA ARG A 385 13.08 4.87 11.26
C ARG A 385 12.63 5.14 9.82
N MET A 386 11.34 5.41 9.63
CA MET A 386 10.86 5.74 8.29
C MET A 386 11.53 7.01 7.78
N HIS A 387 11.62 8.03 8.62
CA HIS A 387 12.27 9.27 8.21
C HIS A 387 13.75 9.04 7.91
N LEU A 388 14.43 8.26 8.76
CA LEU A 388 15.85 7.99 8.54
C LEU A 388 16.07 7.25 7.23
N ARG A 389 15.23 6.25 6.96
CA ARG A 389 15.34 5.50 5.71
C ARG A 389 15.06 6.39 4.51
N GLN A 390 14.12 7.32 4.65
CA GLN A 390 13.84 8.26 3.56
C GLN A 390 15.06 9.08 3.21
N TYR A 391 15.81 9.53 4.23
CA TYR A 391 17.00 10.34 4.03
C TYR A 391 18.27 9.50 3.89
N GLU A 392 18.15 8.21 3.60
CA GLU A 392 19.28 7.31 3.40
C GLU A 392 20.09 7.10 4.68
N LEU A 393 19.51 7.38 5.84
CA LEU A 393 20.21 7.18 7.11
C LEU A 393 20.01 5.77 7.67
N LEU A 394 19.18 4.95 7.05
CA LEU A 394 19.00 3.56 7.48
C LEU A 394 18.81 2.65 6.28
N GLU B 8 -23.23 -43.01 6.55
CA GLU B 8 -24.30 -42.42 5.69
C GLU B 8 -23.77 -41.21 4.93
N LEU B 9 -22.79 -40.52 5.51
CA LEU B 9 -22.22 -39.35 4.84
C LEU B 9 -21.58 -39.74 3.51
N ASP B 10 -20.82 -40.83 3.50
CA ASP B 10 -20.10 -41.22 2.29
C ASP B 10 -21.06 -41.58 1.16
N GLN B 11 -22.22 -42.16 1.48
CA GLN B 11 -23.17 -42.54 0.43
C GLN B 11 -23.62 -41.32 -0.36
N LEU B 12 -23.85 -40.19 0.34
CA LEU B 12 -24.24 -38.98 -0.36
C LEU B 12 -23.13 -38.43 -1.24
N ARG B 13 -21.87 -38.63 -0.84
CA ARG B 13 -20.76 -38.05 -1.59
C ARG B 13 -20.58 -38.73 -2.94
N GLN B 14 -20.88 -40.03 -3.04
CA GLN B 14 -20.90 -40.67 -4.35
C GLN B 14 -21.93 -40.02 -5.26
N GLU B 15 -23.12 -39.74 -4.71
CA GLU B 15 -24.14 -39.03 -5.49
C GLU B 15 -23.65 -37.67 -5.93
N ALA B 16 -23.01 -36.93 -5.02
CA ALA B 16 -22.52 -35.59 -5.35
C ALA B 16 -21.45 -35.65 -6.45
N GLU B 17 -20.53 -36.61 -6.34
CA GLU B 17 -19.49 -36.74 -7.35
C GLU B 17 -20.08 -37.15 -8.70
N GLN B 18 -21.07 -38.04 -8.69
CA GLN B 18 -21.72 -38.41 -9.94
C GLN B 18 -22.43 -37.21 -10.56
N LEU B 19 -23.08 -36.38 -9.74
CA LEU B 19 -23.72 -35.18 -10.26
C LEU B 19 -22.69 -34.23 -10.87
N LYS B 20 -21.55 -34.04 -10.19
CA LYS B 20 -20.52 -33.17 -10.73
C LYS B 20 -19.97 -33.72 -12.04
N ASN B 21 -19.74 -35.03 -12.12
CA ASN B 21 -19.26 -35.63 -13.36
C ASN B 21 -20.29 -35.47 -14.48
N GLN B 22 -21.57 -35.64 -14.15
CA GLN B 22 -22.62 -35.45 -15.16
C GLN B 22 -22.63 -34.01 -15.66
N ILE B 23 -22.48 -33.04 -14.76
CA ILE B 23 -22.45 -31.64 -15.17
C ILE B 23 -21.25 -31.39 -16.06
N ARG B 24 -20.08 -31.93 -15.70
CA ARG B 24 -18.90 -31.76 -16.53
C ARG B 24 -19.09 -32.36 -17.91
N ASP B 25 -19.68 -33.56 -17.97
CA ASP B 25 -19.91 -34.21 -19.25
C ASP B 25 -20.89 -33.41 -20.11
N ALA B 26 -21.95 -32.89 -19.49
CA ALA B 26 -22.91 -32.08 -20.24
C ALA B 26 -22.25 -30.82 -20.77
N ARG B 27 -21.43 -30.16 -19.96
CA ARG B 27 -20.73 -28.96 -20.42
C ARG B 27 -19.78 -29.29 -21.56
N LYS B 28 -19.06 -30.40 -21.47
CA LYS B 28 -18.17 -30.81 -22.54
C LYS B 28 -18.95 -31.09 -23.82
N ALA B 29 -20.09 -31.77 -23.70
CA ALA B 29 -20.90 -32.05 -24.88
C ALA B 29 -21.41 -30.76 -25.52
N CYS B 30 -21.85 -29.81 -24.70
CA CYS B 30 -22.31 -28.53 -25.22
C CYS B 30 -21.18 -27.69 -25.81
N ALA B 31 -19.92 -28.04 -25.55
CA ALA B 31 -18.78 -27.29 -26.07
C ALA B 31 -18.40 -27.80 -27.46
N ASP B 32 -19.33 -27.61 -28.40
CA ASP B 32 -19.07 -28.04 -29.78
C ASP B 32 -17.90 -27.27 -30.38
N ALA B 33 -17.84 -25.97 -30.14
CA ALA B 33 -16.74 -25.14 -30.64
C ALA B 33 -16.45 -24.04 -29.64
N THR B 34 -15.20 -23.62 -29.59
CA THR B 34 -14.76 -22.59 -28.68
C THR B 34 -14.97 -21.20 -29.29
N LEU B 35 -15.08 -20.20 -28.42
CA LEU B 35 -15.27 -18.83 -28.89
C LEU B 35 -14.06 -18.35 -29.68
N SER B 36 -12.85 -18.75 -29.27
CA SER B 36 -11.65 -18.32 -29.98
C SER B 36 -11.65 -18.82 -31.42
N GLN B 37 -12.00 -20.09 -31.63
CA GLN B 37 -11.95 -20.67 -32.97
C GLN B 37 -12.93 -19.97 -33.90
N ILE B 38 -14.17 -19.75 -33.45
CA ILE B 38 -15.14 -19.05 -34.28
C ILE B 38 -14.74 -17.60 -34.49
N THR B 39 -14.03 -17.02 -33.52
CA THR B 39 -13.63 -15.62 -33.56
C THR B 39 -12.40 -15.37 -34.45
N ASN B 40 -11.92 -16.39 -35.16
CA ASN B 40 -10.71 -16.23 -35.95
C ASN B 40 -10.87 -15.18 -37.05
N ASN B 41 -12.03 -15.17 -37.72
CA ASN B 41 -12.20 -14.38 -38.93
C ASN B 41 -12.97 -13.08 -38.71
N ILE B 42 -12.91 -12.52 -37.51
CA ILE B 42 -13.54 -11.23 -37.23
C ILE B 42 -12.48 -10.14 -37.25
N ASP B 43 -12.91 -8.92 -37.52
CA ASP B 43 -11.98 -7.79 -37.61
C ASP B 43 -11.42 -7.47 -36.23
N PRO B 44 -10.09 -7.46 -36.05
CA PRO B 44 -9.53 -7.09 -34.75
C PRO B 44 -9.86 -5.65 -34.39
N VAL B 45 -10.00 -5.39 -33.09
CA VAL B 45 -10.29 -4.04 -32.62
C VAL B 45 -9.12 -3.11 -32.90
N GLY B 46 -7.90 -3.61 -32.77
CA GLY B 46 -6.73 -2.79 -32.99
C GLY B 46 -6.32 -2.03 -31.74
N ARG B 47 -5.36 -1.13 -31.91
CA ARG B 47 -4.83 -0.37 -30.80
C ARG B 47 -5.90 0.56 -30.23
N ILE B 48 -6.04 0.53 -28.91
CA ILE B 48 -6.95 1.41 -28.18
C ILE B 48 -6.13 2.25 -27.22
N GLN B 49 -6.20 3.56 -27.35
CA GLN B 49 -5.43 4.50 -26.55
C GLN B 49 -6.36 5.38 -25.73
N MET B 50 -6.09 5.48 -24.43
CA MET B 50 -6.84 6.35 -23.54
C MET B 50 -5.89 6.96 -22.53
N ARG B 51 -6.09 8.24 -22.23
CA ARG B 51 -5.27 8.96 -21.27
C ARG B 51 -6.18 9.72 -20.31
N THR B 52 -5.61 10.12 -19.18
CA THR B 52 -6.39 10.76 -18.13
C THR B 52 -7.08 12.00 -18.68
N ARG B 53 -8.38 12.12 -18.39
CA ARG B 53 -9.17 13.27 -18.78
C ARG B 53 -9.49 14.17 -17.60
N ARG B 54 -9.91 13.59 -16.47
CA ARG B 54 -10.18 14.34 -15.25
C ARG B 54 -9.51 13.65 -14.08
N THR B 55 -8.84 14.42 -13.23
CA THR B 55 -8.19 13.92 -12.04
C THR B 55 -8.92 14.46 -10.83
N LEU B 56 -9.53 13.56 -10.05
CA LEU B 56 -10.30 13.94 -8.88
C LEU B 56 -9.42 13.82 -7.65
N ARG B 57 -9.33 14.91 -6.88
CA ARG B 57 -8.49 14.97 -5.69
C ARG B 57 -9.31 15.44 -4.50
N GLY B 58 -8.94 14.97 -3.32
CA GLY B 58 -9.65 15.33 -2.11
C GLY B 58 -9.74 14.19 -1.12
N HIS B 59 -9.54 12.96 -1.59
CA HIS B 59 -9.55 11.80 -0.72
C HIS B 59 -8.25 11.72 0.07
N LEU B 60 -8.37 11.44 1.37
CA LEU B 60 -7.21 11.40 2.25
C LEU B 60 -6.54 10.02 2.27
N ALA B 61 -7.33 8.95 2.18
CA ALA B 61 -6.83 7.59 2.25
C ALA B 61 -7.06 6.88 0.92
N LYS B 62 -6.70 5.60 0.89
CA LYS B 62 -6.85 4.82 -0.34
C LYS B 62 -8.32 4.66 -0.71
N ILE B 63 -8.60 4.78 -2.00
CA ILE B 63 -9.94 4.55 -2.52
C ILE B 63 -10.09 3.06 -2.80
N TYR B 64 -11.25 2.49 -2.43
CA TYR B 64 -11.50 1.07 -2.58
C TYR B 64 -12.69 0.73 -3.45
N ALA B 65 -13.65 1.65 -3.62
CA ALA B 65 -14.83 1.37 -4.41
C ALA B 65 -15.34 2.65 -5.04
N MET B 66 -16.10 2.50 -6.13
CA MET B 66 -16.73 3.60 -6.82
C MET B 66 -17.89 3.06 -7.64
N HIS B 67 -18.76 3.97 -8.09
CA HIS B 67 -19.87 3.59 -8.93
C HIS B 67 -20.30 4.80 -9.77
N TRP B 68 -20.70 4.54 -11.00
CA TRP B 68 -21.19 5.59 -11.89
C TRP B 68 -22.70 5.76 -11.74
N GLY B 69 -23.16 7.00 -11.84
CA GLY B 69 -24.58 7.27 -11.78
C GLY B 69 -25.25 7.01 -13.12
N THR B 70 -26.58 6.89 -13.06
CA THR B 70 -27.35 6.66 -14.28
C THR B 70 -27.24 7.83 -15.25
N ASP B 71 -27.13 9.05 -14.72
CA ASP B 71 -26.98 10.22 -15.58
C ASP B 71 -25.64 10.26 -16.31
N SER B 72 -24.70 9.41 -15.94
CA SER B 72 -23.37 9.36 -16.55
C SER B 72 -22.56 10.62 -16.30
N ARG B 73 -22.94 11.41 -15.30
CA ARG B 73 -22.22 12.63 -14.96
C ARG B 73 -21.80 12.65 -13.49
N LEU B 74 -22.62 12.13 -12.59
CA LEU B 74 -22.30 12.09 -11.17
C LEU B 74 -21.54 10.81 -10.84
N LEU B 75 -20.53 10.94 -9.98
CA LEU B 75 -19.68 9.83 -9.58
C LEU B 75 -19.59 9.79 -8.07
N VAL B 76 -19.74 8.60 -7.50
CA VAL B 76 -19.62 8.39 -6.05
C VAL B 76 -18.39 7.53 -5.81
N SER B 77 -17.52 8.00 -4.91
CA SER B 77 -16.27 7.33 -4.60
C SER B 77 -16.18 7.11 -3.09
N ALA B 78 -15.68 5.94 -2.70
CA ALA B 78 -15.55 5.56 -1.30
C ALA B 78 -14.08 5.42 -0.95
N SER B 79 -13.66 6.14 0.09
CA SER B 79 -12.29 6.08 0.59
C SER B 79 -12.31 5.62 2.05
N GLN B 80 -11.25 4.92 2.44
CA GLN B 80 -11.15 4.37 3.79
C GLN B 80 -10.82 5.42 4.84
N ASP B 81 -10.82 6.70 4.48
CA ASP B 81 -10.62 7.78 5.43
C ASP B 81 -11.93 8.22 6.08
N GLY B 82 -13.05 7.62 5.73
CA GLY B 82 -14.34 7.99 6.29
C GLY B 82 -15.14 8.97 5.46
N LYS B 83 -14.76 9.21 4.20
CA LYS B 83 -15.44 10.16 3.34
C LYS B 83 -16.02 9.43 2.13
N LEU B 84 -17.29 9.70 1.84
CA LEU B 84 -17.97 9.18 0.65
C LEU B 84 -18.33 10.39 -0.20
N ILE B 85 -17.41 10.79 -1.06
CA ILE B 85 -17.52 12.02 -1.84
C ILE B 85 -18.27 11.72 -3.14
N ILE B 86 -19.12 12.65 -3.55
CA ILE B 86 -19.83 12.59 -4.83
C ILE B 86 -19.23 13.65 -5.74
N TRP B 87 -18.78 13.24 -6.92
CA TRP B 87 -18.07 14.12 -7.84
C TRP B 87 -18.90 14.37 -9.09
N ASP B 88 -18.83 15.59 -9.59
CA ASP B 88 -19.41 15.94 -10.89
C ASP B 88 -18.30 15.75 -11.93
N SER B 89 -18.39 14.69 -12.71
CA SER B 89 -17.31 14.33 -13.63
C SER B 89 -17.06 15.45 -14.64
N TYR B 90 -18.13 16.02 -15.20
CA TYR B 90 -17.97 17.04 -16.23
C TYR B 90 -17.22 18.26 -15.70
N THR B 91 -17.58 18.71 -14.50
CA THR B 91 -17.00 19.91 -13.91
C THR B 91 -16.01 19.62 -12.80
N THR B 92 -15.87 18.36 -12.38
CA THR B 92 -14.95 17.92 -11.33
C THR B 92 -15.40 18.38 -9.95
N ASN B 93 -16.48 19.16 -9.86
CA ASN B 93 -16.91 19.69 -8.57
C ASN B 93 -17.38 18.58 -7.64
N LYS B 94 -17.09 18.75 -6.35
CA LYS B 94 -17.51 17.79 -5.33
C LYS B 94 -18.91 18.18 -4.87
N VAL B 95 -19.91 17.43 -5.33
CA VAL B 95 -21.29 17.75 -4.99
C VAL B 95 -21.52 17.56 -3.50
N HIS B 96 -21.02 16.46 -2.94
CA HIS B 96 -21.23 16.15 -1.52
C HIS B 96 -19.97 15.50 -0.95
N ALA B 97 -19.83 15.59 0.36
CA ALA B 97 -18.74 14.94 1.11
C ALA B 97 -19.36 14.38 2.38
N ILE B 98 -19.77 13.12 2.32
CA ILE B 98 -20.51 12.47 3.41
C ILE B 98 -19.48 11.88 4.38
N PRO B 99 -19.48 12.29 5.66
CA PRO B 99 -18.61 11.66 6.65
C PRO B 99 -19.21 10.37 7.17
N LEU B 100 -18.58 9.25 6.85
CA LEU B 100 -19.08 7.94 7.25
C LEU B 100 -18.82 7.70 8.73
N ARG B 101 -19.75 6.97 9.36
CA ARG B 101 -19.59 6.63 10.77
C ARG B 101 -18.36 5.77 10.99
N SER B 102 -18.13 4.80 10.11
CA SER B 102 -16.98 3.91 10.18
C SER B 102 -16.05 4.24 9.01
N SER B 103 -14.77 4.46 9.32
CA SER B 103 -13.80 4.81 8.29
C SER B 103 -13.46 3.65 7.38
N TRP B 104 -13.70 2.42 7.81
CA TRP B 104 -13.35 1.24 7.02
C TRP B 104 -14.50 0.84 6.11
N VAL B 105 -14.75 1.70 5.12
CA VAL B 105 -15.79 1.45 4.12
C VAL B 105 -15.18 0.69 2.95
N MET B 106 -15.84 -0.38 2.52
CA MET B 106 -15.35 -1.23 1.46
C MET B 106 -16.26 -1.29 0.25
N THR B 107 -17.35 -0.52 0.22
CA THR B 107 -18.24 -0.54 -0.93
C THR B 107 -19.07 0.73 -0.94
N CYS B 108 -19.59 1.05 -2.13
CA CYS B 108 -20.51 2.17 -2.31
C CYS B 108 -21.38 1.89 -3.52
N ALA B 109 -22.58 2.48 -3.52
CA ALA B 109 -23.52 2.26 -4.61
C ALA B 109 -24.33 3.53 -4.82
N TYR B 110 -24.67 3.79 -6.07
CA TYR B 110 -25.50 4.93 -6.47
C TYR B 110 -26.83 4.41 -6.96
N ALA B 111 -27.92 4.90 -6.38
CA ALA B 111 -29.24 4.43 -6.75
C ALA B 111 -29.53 4.80 -8.20
N PRO B 112 -30.32 3.98 -8.91
CA PRO B 112 -30.61 4.30 -10.32
C PRO B 112 -31.28 5.64 -10.49
N SER B 113 -32.14 6.05 -9.55
CA SER B 113 -32.76 7.36 -9.61
C SER B 113 -31.87 8.46 -9.06
N GLY B 114 -30.77 8.12 -8.39
CA GLY B 114 -29.89 9.11 -7.81
C GLY B 114 -30.36 9.71 -6.51
N ASN B 115 -31.47 9.21 -5.95
CA ASN B 115 -32.01 9.78 -4.73
C ASN B 115 -31.30 9.26 -3.48
N TYR B 116 -30.73 8.06 -3.54
CA TYR B 116 -30.11 7.43 -2.40
C TYR B 116 -28.72 6.91 -2.77
N VAL B 117 -27.85 6.85 -1.77
CA VAL B 117 -26.51 6.32 -1.91
C VAL B 117 -26.25 5.36 -0.76
N ALA B 118 -25.68 4.19 -1.07
CA ALA B 118 -25.39 3.17 -0.07
C ALA B 118 -23.89 2.95 0.03
N CYS B 119 -23.45 2.50 1.20
CA CYS B 119 -22.04 2.20 1.43
C CYS B 119 -21.95 1.26 2.62
N GLY B 120 -20.79 0.61 2.74
CA GLY B 120 -20.58 -0.32 3.83
C GLY B 120 -19.15 -0.83 3.83
N GLY B 121 -18.84 -1.64 4.83
CA GLY B 121 -17.51 -2.20 4.96
C GLY B 121 -17.37 -3.11 6.17
N LEU B 122 -16.27 -2.94 6.92
CA LEU B 122 -16.01 -3.78 8.07
C LEU B 122 -16.98 -3.56 9.22
N ASP B 123 -17.80 -2.51 9.15
CA ASP B 123 -18.72 -2.17 10.23
C ASP B 123 -19.94 -3.08 10.30
N ASN B 124 -20.07 -4.04 9.37
CA ASN B 124 -21.20 -4.97 9.31
C ASN B 124 -22.52 -4.28 8.97
N ILE B 125 -22.50 -2.99 8.64
CA ILE B 125 -23.70 -2.21 8.42
C ILE B 125 -23.60 -1.55 7.05
N CYS B 126 -24.66 -1.68 6.26
CA CYS B 126 -24.77 -1.01 4.96
C CYS B 126 -25.62 0.24 5.16
N SER B 127 -24.96 1.40 5.22
CA SER B 127 -25.65 2.65 5.48
C SER B 127 -26.23 3.22 4.20
N ILE B 128 -27.48 3.69 4.27
CA ILE B 128 -28.16 4.30 3.14
C ILE B 128 -28.26 5.80 3.41
N TYR B 129 -27.77 6.60 2.47
CA TYR B 129 -27.72 8.05 2.61
C TYR B 129 -28.68 8.70 1.61
N ASN B 130 -29.46 9.65 2.10
CA ASN B 130 -30.36 10.44 1.25
C ASN B 130 -29.67 11.73 0.86
N LEU B 131 -29.58 11.99 -0.45
CA LEU B 131 -28.82 13.13 -0.95
C LEU B 131 -29.63 14.41 -1.04
N LYS B 132 -30.95 14.31 -1.21
CA LYS B 132 -31.81 15.47 -1.47
C LYS B 132 -32.96 15.53 -0.47
N THR B 133 -32.63 15.39 0.82
CA THR B 133 -33.63 15.57 1.85
C THR B 133 -34.18 16.99 1.82
N ARG B 134 -35.47 17.13 2.13
CA ARG B 134 -36.09 18.45 2.11
C ARG B 134 -35.42 19.43 3.05
N GLU B 135 -34.77 18.92 4.11
CA GLU B 135 -34.03 19.80 5.01
C GLU B 135 -32.81 20.41 4.34
N GLY B 136 -32.30 19.81 3.27
CA GLY B 136 -31.16 20.32 2.56
C GLY B 136 -29.84 19.63 2.88
N ASN B 137 -29.78 18.85 3.95
CA ASN B 137 -28.57 18.16 4.36
C ASN B 137 -28.64 16.69 3.96
N VAL B 138 -27.50 16.02 4.08
CA VAL B 138 -27.38 14.59 3.79
C VAL B 138 -27.32 13.84 5.12
N ARG B 139 -28.18 12.83 5.25
CA ARG B 139 -28.28 12.09 6.50
C ARG B 139 -28.58 10.62 6.18
N VAL B 140 -28.27 9.75 7.13
CA VAL B 140 -28.51 8.32 6.98
C VAL B 140 -30.00 8.06 7.04
N SER B 141 -30.59 7.69 5.90
CA SER B 141 -32.01 7.36 5.88
C SER B 141 -32.28 6.13 6.74
N ARG B 142 -31.44 5.11 6.64
CA ARG B 142 -31.58 3.91 7.45
C ARG B 142 -30.30 3.09 7.33
N GLU B 143 -29.96 2.38 8.40
CA GLU B 143 -28.79 1.52 8.44
C GLU B 143 -29.23 0.07 8.42
N LEU B 144 -28.65 -0.72 7.51
CA LEU B 144 -29.00 -2.12 7.36
C LEU B 144 -27.98 -2.96 8.12
N ALA B 145 -28.47 -3.73 9.10
CA ALA B 145 -27.63 -4.54 9.95
C ALA B 145 -28.16 -5.97 10.00
N GLY B 146 -27.25 -6.91 10.29
CA GLY B 146 -27.61 -8.31 10.34
C GLY B 146 -26.50 -9.21 9.82
N HIS B 147 -25.58 -8.64 9.04
CA HIS B 147 -24.47 -9.40 8.51
C HIS B 147 -23.46 -9.71 9.61
N THR B 148 -22.69 -10.79 9.40
CA THR B 148 -21.69 -11.25 10.36
C THR B 148 -20.31 -11.31 9.74
N GLY B 149 -20.07 -10.51 8.71
CA GLY B 149 -18.76 -10.47 8.07
C GLY B 149 -18.33 -9.06 7.73
N TYR B 150 -17.92 -8.83 6.49
CA TYR B 150 -17.59 -7.49 6.01
C TYR B 150 -18.30 -7.25 4.68
N LEU B 151 -18.95 -6.10 4.56
CA LEU B 151 -19.67 -5.76 3.35
C LEU B 151 -18.67 -5.51 2.22
N SER B 152 -18.73 -6.33 1.17
CA SER B 152 -17.81 -6.23 0.04
C SER B 152 -18.39 -5.47 -1.14
N CYS B 153 -19.68 -5.65 -1.42
CA CYS B 153 -20.30 -4.96 -2.55
C CYS B 153 -21.79 -4.80 -2.28
N CYS B 154 -22.38 -3.82 -2.95
CA CYS B 154 -23.82 -3.58 -2.85
C CYS B 154 -24.28 -2.87 -4.11
N ARG B 155 -25.51 -3.16 -4.52
CA ARG B 155 -26.08 -2.55 -5.71
C ARG B 155 -27.58 -2.37 -5.51
N PHE B 156 -28.10 -1.25 -5.99
CA PHE B 156 -29.52 -0.94 -5.84
C PHE B 156 -30.34 -1.60 -6.94
N LEU B 157 -31.37 -2.35 -6.54
CA LEU B 157 -32.38 -2.78 -7.49
C LEU B 157 -33.38 -1.65 -7.75
N ASP B 158 -33.71 -0.88 -6.70
CA ASP B 158 -34.62 0.25 -6.80
C ASP B 158 -34.36 1.15 -5.60
N ASP B 159 -35.16 2.21 -5.49
CA ASP B 159 -35.02 3.12 -4.36
C ASP B 159 -35.37 2.45 -3.04
N ASN B 160 -36.03 1.29 -3.08
CA ASN B 160 -36.44 0.59 -1.86
C ASN B 160 -35.74 -0.74 -1.65
N GLN B 161 -35.17 -1.33 -2.70
CA GLN B 161 -34.53 -2.64 -2.61
C GLN B 161 -33.06 -2.53 -2.98
N ILE B 162 -32.21 -3.15 -2.19
CA ILE B 162 -30.76 -3.15 -2.41
C ILE B 162 -30.22 -4.55 -2.15
N VAL B 163 -29.34 -5.01 -3.03
CA VAL B 163 -28.64 -6.28 -2.86
C VAL B 163 -27.26 -6.02 -2.29
N THR B 164 -26.90 -6.73 -1.24
CA THR B 164 -25.65 -6.52 -0.53
C THR B 164 -24.90 -7.84 -0.40
N SER B 165 -23.58 -7.76 -0.50
CA SER B 165 -22.70 -8.90 -0.31
C SER B 165 -21.85 -8.67 0.94
N SER B 166 -21.63 -9.73 1.70
CA SER B 166 -20.92 -9.64 2.97
C SER B 166 -19.86 -10.74 3.05
N GLY B 167 -18.93 -10.54 3.97
CA GLY B 167 -17.87 -11.52 4.22
C GLY B 167 -18.32 -12.72 5.01
N ASP B 168 -19.60 -12.81 5.38
CA ASP B 168 -20.14 -13.98 6.04
C ASP B 168 -20.51 -15.09 5.05
N THR B 169 -20.08 -14.98 3.79
CA THR B 169 -20.31 -15.96 2.73
C THR B 169 -21.77 -16.03 2.30
N THR B 170 -22.57 -15.02 2.63
CA THR B 170 -23.98 -14.99 2.25
C THR B 170 -24.33 -13.62 1.71
N CYS B 171 -25.20 -13.61 0.70
CA CYS B 171 -25.76 -12.37 0.15
C CYS B 171 -27.22 -12.26 0.56
N ALA B 172 -27.68 -11.02 0.73
CA ALA B 172 -29.02 -10.77 1.20
C ALA B 172 -29.66 -9.63 0.41
N LEU B 173 -30.98 -9.71 0.26
CA LEU B 173 -31.77 -8.65 -0.34
C LEU B 173 -32.52 -7.92 0.75
N TRP B 174 -32.38 -6.59 0.78
CA TRP B 174 -32.88 -5.76 1.86
C TRP B 174 -34.02 -4.87 1.37
N ASP B 175 -35.02 -4.68 2.22
CA ASP B 175 -36.09 -3.73 1.99
C ASP B 175 -35.76 -2.46 2.78
N ILE B 176 -35.45 -1.38 2.08
CA ILE B 176 -34.98 -0.17 2.74
C ILE B 176 -36.04 0.41 3.65
N GLU B 177 -37.31 0.36 3.23
CA GLU B 177 -38.37 0.95 4.03
C GLU B 177 -38.48 0.26 5.39
N THR B 178 -38.42 -1.07 5.42
CA THR B 178 -38.52 -1.81 6.66
C THR B 178 -37.17 -2.22 7.24
N GLY B 179 -36.12 -2.25 6.42
CA GLY B 179 -34.80 -2.64 6.89
C GLY B 179 -34.63 -4.12 7.12
N GLN B 180 -35.55 -4.95 6.65
CA GLN B 180 -35.49 -6.40 6.84
C GLN B 180 -34.91 -7.06 5.59
N GLN B 181 -34.44 -8.29 5.77
CA GLN B 181 -33.89 -9.08 4.67
C GLN B 181 -35.03 -9.76 3.92
N THR B 182 -35.28 -9.32 2.69
CA THR B 182 -36.33 -9.94 1.90
C THR B 182 -36.01 -11.40 1.62
N THR B 183 -34.77 -11.69 1.23
CA THR B 183 -34.33 -13.06 1.02
C THR B 183 -32.83 -13.13 1.33
N THR B 184 -32.37 -14.34 1.62
CA THR B 184 -30.98 -14.59 1.95
C THR B 184 -30.40 -15.64 1.00
N PHE B 185 -29.18 -15.38 0.53
CA PHE B 185 -28.45 -16.28 -0.35
C PHE B 185 -27.28 -16.87 0.42
N THR B 186 -27.24 -18.19 0.55
CA THR B 186 -26.23 -18.87 1.35
C THR B 186 -25.52 -19.99 0.59
N GLY B 187 -25.60 -20.01 -0.74
CA GLY B 187 -24.95 -21.06 -1.50
C GLY B 187 -23.44 -20.95 -1.55
N HIS B 188 -22.90 -19.74 -1.36
CA HIS B 188 -21.46 -19.53 -1.41
C HIS B 188 -20.79 -20.08 -0.16
N THR B 189 -19.63 -20.70 -0.35
CA THR B 189 -18.84 -21.23 0.76
C THR B 189 -17.73 -20.27 1.19
N GLY B 190 -17.17 -19.52 0.24
CA GLY B 190 -16.12 -18.57 0.53
C GLY B 190 -16.64 -17.16 0.72
N ASP B 191 -15.70 -16.23 0.91
CA ASP B 191 -16.05 -14.84 1.10
C ASP B 191 -16.53 -14.23 -0.21
N VAL B 192 -17.72 -13.63 -0.20
CA VAL B 192 -18.27 -13.01 -1.39
C VAL B 192 -17.65 -11.62 -1.54
N MET B 193 -17.11 -11.34 -2.72
CA MET B 193 -16.32 -10.14 -2.96
C MET B 193 -17.01 -9.10 -3.83
N SER B 194 -17.87 -9.50 -4.77
CA SER B 194 -18.44 -8.55 -5.71
C SER B 194 -19.83 -9.02 -6.14
N LEU B 195 -20.61 -8.07 -6.65
CA LEU B 195 -21.94 -8.33 -7.17
C LEU B 195 -22.10 -7.65 -8.53
N SER B 196 -23.03 -8.18 -9.32
CA SER B 196 -23.34 -7.59 -10.62
C SER B 196 -24.81 -7.86 -10.92
N LEU B 197 -25.57 -6.80 -11.15
CA LEU B 197 -26.99 -6.91 -11.47
C LEU B 197 -27.18 -7.01 -12.97
N ALA B 198 -28.10 -7.89 -13.37
CA ALA B 198 -28.44 -8.02 -14.79
C ALA B 198 -29.20 -6.79 -15.27
N PRO B 199 -29.19 -6.53 -16.58
CA PRO B 199 -29.91 -5.36 -17.08
C PRO B 199 -31.38 -5.34 -16.69
N ASP B 200 -32.03 -6.51 -16.68
CA ASP B 200 -33.43 -6.60 -16.29
C ASP B 200 -33.62 -6.70 -14.78
N THR B 201 -32.55 -6.84 -14.01
CA THR B 201 -32.58 -6.96 -12.55
C THR B 201 -33.22 -8.26 -12.09
N ARG B 202 -33.55 -9.18 -13.00
CA ARG B 202 -34.13 -10.45 -12.60
C ARG B 202 -33.12 -11.35 -11.92
N LEU B 203 -31.87 -11.35 -12.37
CA LEU B 203 -30.83 -12.22 -11.84
C LEU B 203 -29.57 -11.40 -11.57
N PHE B 204 -28.77 -11.87 -10.62
CA PHE B 204 -27.48 -11.25 -10.32
C PHE B 204 -26.48 -12.34 -10.03
N VAL B 205 -25.21 -12.07 -10.37
CA VAL B 205 -24.11 -13.01 -10.17
C VAL B 205 -23.19 -12.44 -9.10
N SER B 206 -22.76 -13.29 -8.18
CA SER B 206 -21.87 -12.89 -7.09
C SER B 206 -20.63 -13.77 -7.10
N GLY B 207 -19.47 -13.13 -7.12
CA GLY B 207 -18.21 -13.85 -7.01
C GLY B 207 -17.78 -14.00 -5.57
N ALA B 208 -17.05 -15.08 -5.29
CA ALA B 208 -16.63 -15.40 -3.94
C ALA B 208 -15.20 -15.92 -3.95
N CYS B 209 -14.62 -16.01 -2.76
CA CYS B 209 -13.26 -16.49 -2.59
C CYS B 209 -13.13 -17.99 -2.81
N ASP B 210 -14.24 -18.71 -2.94
CA ASP B 210 -14.22 -20.14 -3.24
C ASP B 210 -13.92 -20.42 -4.71
N ALA B 211 -13.48 -19.42 -5.47
CA ALA B 211 -13.12 -19.60 -6.87
C ALA B 211 -14.30 -20.07 -7.71
N SER B 212 -15.51 -19.68 -7.31
CA SER B 212 -16.72 -20.04 -8.04
C SER B 212 -17.64 -18.84 -8.13
N ALA B 213 -18.39 -18.78 -9.24
CA ALA B 213 -19.39 -17.74 -9.46
C ALA B 213 -20.76 -18.38 -9.57
N LYS B 214 -21.75 -17.78 -8.93
CA LYS B 214 -23.10 -18.31 -8.87
C LYS B 214 -24.09 -17.28 -9.41
N LEU B 215 -25.04 -17.75 -10.21
CA LEU B 215 -26.11 -16.92 -10.74
C LEU B 215 -27.32 -17.06 -9.83
N TRP B 216 -27.77 -15.94 -9.25
CA TRP B 216 -28.82 -15.94 -8.25
C TRP B 216 -30.09 -15.31 -8.81
N ASP B 217 -31.22 -15.95 -8.54
CA ASP B 217 -32.53 -15.37 -8.88
C ASP B 217 -33.00 -14.51 -7.72
N VAL B 218 -33.31 -13.25 -8.01
CA VAL B 218 -33.62 -12.30 -6.94
C VAL B 218 -34.88 -12.73 -6.19
N ARG B 219 -35.93 -13.12 -6.93
CA ARG B 219 -37.20 -13.42 -6.29
C ARG B 219 -37.21 -14.83 -5.71
N GLU B 220 -36.63 -15.81 -6.41
CA GLU B 220 -36.67 -17.19 -5.95
C GLU B 220 -35.71 -17.42 -4.78
N GLY B 221 -34.73 -16.55 -4.59
CA GLY B 221 -33.80 -16.72 -3.48
C GLY B 221 -32.92 -17.93 -3.58
N MET B 222 -32.42 -18.26 -4.78
CA MET B 222 -31.59 -19.42 -5.00
C MET B 222 -30.62 -19.15 -6.14
N CYS B 223 -29.54 -19.94 -6.17
CA CYS B 223 -28.59 -19.88 -7.27
C CYS B 223 -29.07 -20.80 -8.40
N ARG B 224 -29.31 -20.22 -9.57
CA ARG B 224 -29.75 -21.02 -10.71
C ARG B 224 -28.59 -21.79 -11.34
N GLN B 225 -27.38 -21.24 -11.31
CA GLN B 225 -26.22 -21.88 -11.91
C GLN B 225 -24.98 -21.58 -11.08
N THR B 226 -23.97 -22.42 -11.24
CA THR B 226 -22.70 -22.27 -10.57
C THR B 226 -21.57 -22.46 -11.58
N PHE B 227 -20.57 -21.58 -11.50
CA PHE B 227 -19.41 -21.63 -12.37
C PHE B 227 -18.15 -21.73 -11.53
N THR B 228 -17.21 -22.58 -11.95
CA THR B 228 -15.98 -22.83 -11.21
C THR B 228 -14.77 -22.77 -12.14
N GLY B 229 -14.80 -21.85 -13.09
CA GLY B 229 -13.68 -21.72 -14.02
C GLY B 229 -12.42 -21.25 -13.34
N HIS B 230 -12.52 -20.26 -12.46
CA HIS B 230 -11.35 -19.70 -11.81
C HIS B 230 -10.78 -20.69 -10.78
N GLU B 231 -9.47 -20.56 -10.54
CA GLU B 231 -8.75 -21.42 -9.62
C GLU B 231 -8.41 -20.71 -8.31
N SER B 232 -8.78 -19.44 -8.16
CA SER B 232 -8.41 -18.67 -6.99
C SER B 232 -9.57 -17.74 -6.63
N ASP B 233 -9.36 -16.93 -5.60
CA ASP B 233 -10.42 -16.06 -5.09
C ASP B 233 -10.89 -15.10 -6.18
N ILE B 234 -12.21 -15.02 -6.35
CA ILE B 234 -12.81 -14.12 -7.32
C ILE B 234 -13.07 -12.78 -6.63
N ASN B 235 -12.51 -11.72 -7.18
CA ASN B 235 -12.61 -10.39 -6.59
C ASN B 235 -13.61 -9.48 -7.29
N ALA B 236 -13.85 -9.71 -8.58
CA ALA B 236 -14.72 -8.84 -9.37
C ALA B 236 -15.64 -9.68 -10.24
N ILE B 237 -16.79 -9.09 -10.59
CA ILE B 237 -17.75 -9.72 -11.47
C ILE B 237 -18.57 -8.63 -12.13
N CYS B 238 -18.89 -8.82 -13.41
CA CYS B 238 -19.65 -7.83 -14.16
C CYS B 238 -20.41 -8.53 -15.29
N PHE B 239 -21.68 -8.18 -15.45
CA PHE B 239 -22.50 -8.76 -16.50
C PHE B 239 -22.10 -8.20 -17.86
N PHE B 240 -22.24 -9.03 -18.89
CA PHE B 240 -22.16 -8.55 -20.26
C PHE B 240 -23.37 -7.65 -20.53
N PRO B 241 -23.21 -6.63 -21.39
CA PRO B 241 -24.32 -5.69 -21.57
C PRO B 241 -25.63 -6.35 -21.98
N ASN B 242 -25.60 -7.45 -22.73
CA ASN B 242 -26.83 -8.13 -23.10
C ASN B 242 -27.44 -8.92 -21.95
N GLY B 243 -26.66 -9.22 -20.92
CA GLY B 243 -27.16 -9.96 -19.77
C GLY B 243 -27.08 -11.47 -19.90
N ASN B 244 -26.64 -11.99 -21.04
CA ASN B 244 -26.52 -13.43 -21.25
C ASN B 244 -25.15 -13.97 -20.88
N ALA B 245 -24.22 -13.11 -20.46
CA ALA B 245 -22.88 -13.54 -20.11
C ALA B 245 -22.30 -12.56 -19.11
N PHE B 246 -21.23 -12.98 -18.44
CA PHE B 246 -20.56 -12.13 -17.46
C PHE B 246 -19.08 -12.50 -17.40
N ALA B 247 -18.28 -11.57 -16.89
CA ALA B 247 -16.85 -11.77 -16.70
C ALA B 247 -16.51 -11.60 -15.23
N THR B 248 -15.43 -12.26 -14.81
CA THR B 248 -15.02 -12.26 -13.41
C THR B 248 -13.53 -11.95 -13.31
N GLY B 249 -13.17 -11.31 -12.21
CA GLY B 249 -11.77 -11.04 -11.89
C GLY B 249 -11.38 -11.76 -10.63
N SER B 250 -10.15 -12.24 -10.58
CA SER B 250 -9.69 -13.07 -9.47
C SER B 250 -8.20 -12.85 -9.24
N ASP B 251 -7.69 -13.48 -8.19
CA ASP B 251 -6.25 -13.51 -7.93
C ASP B 251 -5.49 -14.30 -8.98
N ASP B 252 -6.20 -15.05 -9.84
CA ASP B 252 -5.57 -15.78 -10.92
C ASP B 252 -4.70 -14.90 -11.82
N ALA B 253 -4.88 -13.58 -11.77
CA ALA B 253 -4.24 -12.65 -12.69
C ALA B 253 -4.81 -12.76 -14.10
N THR B 254 -5.96 -13.41 -14.24
CA THR B 254 -6.58 -13.63 -15.53
C THR B 254 -8.08 -13.37 -15.41
N CYS B 255 -8.70 -13.01 -16.52
CA CYS B 255 -10.14 -12.81 -16.58
C CYS B 255 -10.78 -13.93 -17.40
N ARG B 256 -11.99 -14.32 -17.00
CA ARG B 256 -12.72 -15.39 -17.66
C ARG B 256 -14.15 -14.94 -17.95
N LEU B 257 -14.69 -15.44 -19.06
CA LEU B 257 -16.03 -15.10 -19.51
C LEU B 257 -16.91 -16.34 -19.43
N PHE B 258 -18.11 -16.18 -18.88
CA PHE B 258 -19.06 -17.27 -18.72
C PHE B 258 -20.40 -16.86 -19.31
N ASP B 259 -21.12 -17.84 -19.86
CA ASP B 259 -22.45 -17.63 -20.41
C ASP B 259 -23.46 -18.40 -19.57
N LEU B 260 -24.56 -17.73 -19.21
CA LEU B 260 -25.58 -18.37 -18.38
C LEU B 260 -26.20 -19.56 -19.10
N ARG B 261 -26.50 -19.40 -20.40
CA ARG B 261 -27.15 -20.48 -21.13
C ARG B 261 -26.20 -21.65 -21.35
N ALA B 262 -24.93 -21.37 -21.65
CA ALA B 262 -23.96 -22.43 -21.85
C ALA B 262 -23.53 -23.09 -20.55
N ASP B 263 -23.59 -22.36 -19.43
CA ASP B 263 -23.25 -22.91 -18.11
C ASP B 263 -21.81 -23.42 -18.07
N GLN B 264 -20.92 -22.70 -18.76
CA GLN B 264 -19.50 -23.05 -18.74
C GLN B 264 -18.69 -21.87 -19.26
N GLU B 265 -17.38 -21.92 -18.99
CA GLU B 265 -16.49 -20.85 -19.42
C GLU B 265 -16.40 -20.81 -20.93
N LEU B 266 -16.27 -19.59 -21.48
CA LEU B 266 -16.13 -19.38 -22.91
C LEU B 266 -14.72 -18.94 -23.28
N MET B 267 -14.15 -17.99 -22.56
CA MET B 267 -12.89 -17.38 -22.94
C MET B 267 -12.09 -17.06 -21.69
N THR B 268 -10.77 -17.01 -21.83
CA THR B 268 -9.86 -16.66 -20.74
C THR B 268 -8.88 -15.60 -21.23
N TYR B 269 -8.72 -14.56 -20.43
CA TYR B 269 -7.83 -13.44 -20.75
C TYR B 269 -6.65 -13.49 -19.79
N SER B 270 -5.45 -13.77 -20.34
CA SER B 270 -4.25 -13.89 -19.51
C SER B 270 -3.04 -13.53 -20.36
N HIS B 271 -1.94 -13.20 -19.68
CA HIS B 271 -0.69 -12.88 -20.35
C HIS B 271 0.46 -13.15 -19.39
N ASP B 272 1.60 -13.53 -19.95
CA ASP B 272 2.70 -14.03 -19.13
C ASP B 272 3.21 -12.98 -18.14
N ASN B 273 3.35 -11.74 -18.57
CA ASN B 273 3.91 -10.70 -17.71
C ASN B 273 2.95 -10.31 -16.58
N ILE B 274 1.70 -10.76 -16.62
CA ILE B 274 0.73 -10.44 -15.58
C ILE B 274 0.69 -11.61 -14.60
N ILE B 275 1.07 -11.33 -13.34
CA ILE B 275 1.07 -12.33 -12.29
C ILE B 275 0.37 -11.84 -11.03
N CYS B 276 -0.08 -10.59 -10.99
CA CYS B 276 -0.76 -10.05 -9.82
C CYS B 276 -2.27 -10.20 -9.95
N GLY B 277 -2.97 -9.96 -8.85
CA GLY B 277 -4.40 -10.16 -8.80
C GLY B 277 -5.16 -9.10 -9.58
N ILE B 278 -6.46 -9.36 -9.74
CA ILE B 278 -7.37 -8.48 -10.44
C ILE B 278 -8.41 -7.99 -9.45
N THR B 279 -8.64 -6.67 -9.43
CA THR B 279 -9.52 -6.04 -8.45
C THR B 279 -10.90 -5.73 -9.00
N SER B 280 -11.00 -5.18 -10.20
CA SER B 280 -12.28 -4.78 -10.77
C SER B 280 -12.32 -5.13 -12.25
N VAL B 281 -13.53 -5.35 -12.75
CA VAL B 281 -13.77 -5.64 -14.16
C VAL B 281 -15.04 -4.94 -14.60
N SER B 282 -15.06 -4.52 -15.86
CA SER B 282 -16.22 -3.84 -16.41
C SER B 282 -16.25 -4.03 -17.92
N PHE B 283 -17.43 -3.81 -18.50
CA PHE B 283 -17.65 -3.96 -19.93
C PHE B 283 -18.08 -2.62 -20.54
N SER B 284 -17.66 -2.39 -21.77
CA SER B 284 -18.09 -1.21 -22.49
C SER B 284 -19.58 -1.32 -22.83
N LYS B 285 -20.12 -0.27 -23.45
CA LYS B 285 -21.53 -0.26 -23.80
C LYS B 285 -21.86 -1.38 -24.76
N SER B 286 -21.03 -1.60 -25.78
CA SER B 286 -21.26 -2.67 -26.73
C SER B 286 -20.77 -4.02 -26.23
N GLY B 287 -19.95 -4.04 -25.18
CA GLY B 287 -19.42 -5.27 -24.65
C GLY B 287 -18.20 -5.81 -25.38
N ARG B 288 -17.75 -5.13 -26.44
CA ARG B 288 -16.59 -5.62 -27.18
C ARG B 288 -15.30 -5.50 -26.37
N LEU B 289 -15.18 -4.47 -25.55
CA LEU B 289 -13.98 -4.21 -24.76
C LEU B 289 -14.22 -4.60 -23.31
N LEU B 290 -13.31 -5.39 -22.75
CA LEU B 290 -13.35 -5.79 -21.35
C LEU B 290 -12.22 -5.09 -20.61
N LEU B 291 -12.58 -4.21 -19.68
CA LEU B 291 -11.63 -3.43 -18.91
C LEU B 291 -11.54 -4.02 -17.51
N ALA B 292 -10.32 -4.32 -17.07
CA ALA B 292 -10.08 -4.92 -15.76
C ALA B 292 -8.95 -4.19 -15.05
N GLY B 293 -9.12 -4.00 -13.74
CA GLY B 293 -8.08 -3.38 -12.92
C GLY B 293 -7.18 -4.44 -12.32
N TYR B 294 -5.90 -4.10 -12.21
CA TYR B 294 -4.88 -5.03 -11.76
C TYR B 294 -4.09 -4.41 -10.62
N ASP B 295 -3.50 -5.30 -9.80
CA ASP B 295 -2.69 -4.87 -8.66
C ASP B 295 -1.36 -4.27 -9.08
N ASP B 296 -0.99 -4.35 -10.36
CA ASP B 296 0.27 -3.84 -10.85
C ASP B 296 0.21 -2.34 -11.15
N PHE B 297 -0.77 -1.63 -10.61
CA PHE B 297 -0.91 -0.17 -10.68
C PHE B 297 -1.42 0.31 -12.03
N ASN B 298 -1.79 -0.59 -12.94
CA ASN B 298 -2.32 -0.18 -14.24
C ASN B 298 -3.48 -1.09 -14.61
N CYS B 299 -4.35 -0.58 -15.48
CA CYS B 299 -5.52 -1.30 -15.97
C CYS B 299 -5.28 -1.72 -17.41
N ASN B 300 -5.56 -2.98 -17.72
CA ASN B 300 -5.36 -3.53 -19.05
C ASN B 300 -6.72 -3.68 -19.74
N VAL B 301 -6.82 -3.15 -20.95
CA VAL B 301 -8.04 -3.25 -21.75
C VAL B 301 -7.94 -4.50 -22.61
N TRP B 302 -8.88 -5.42 -22.44
CA TRP B 302 -8.89 -6.69 -23.14
C TRP B 302 -10.06 -6.73 -24.11
N ASP B 303 -9.80 -7.23 -25.32
CA ASP B 303 -10.86 -7.42 -26.30
C ASP B 303 -11.68 -8.64 -25.90
N ALA B 304 -12.99 -8.45 -25.69
CA ALA B 304 -13.83 -9.54 -25.22
C ALA B 304 -13.88 -10.70 -26.20
N LEU B 305 -13.56 -10.46 -27.47
CA LEU B 305 -13.66 -11.49 -28.51
C LEU B 305 -12.29 -12.00 -28.95
N LYS B 306 -11.34 -11.10 -29.22
CA LYS B 306 -10.04 -11.50 -29.75
C LYS B 306 -9.10 -12.04 -28.68
N ALA B 307 -9.40 -11.83 -27.40
CA ALA B 307 -8.55 -12.31 -26.31
C ALA B 307 -7.15 -11.69 -26.40
N ASP B 308 -7.11 -10.38 -26.62
CA ASP B 308 -5.85 -9.65 -26.73
C ASP B 308 -5.99 -8.31 -26.01
N ARG B 309 -4.85 -7.77 -25.59
CA ARG B 309 -4.83 -6.50 -24.89
C ARG B 309 -4.90 -5.36 -25.90
N ALA B 310 -5.92 -4.51 -25.77
CA ALA B 310 -6.11 -3.40 -26.68
C ALA B 310 -5.49 -2.10 -26.17
N GLY B 311 -5.34 -1.95 -24.87
CA GLY B 311 -4.77 -0.74 -24.31
C GLY B 311 -4.45 -0.91 -22.85
N VAL B 312 -3.65 0.02 -22.34
CA VAL B 312 -3.21 0.01 -20.95
C VAL B 312 -3.43 1.39 -20.35
N LEU B 313 -4.00 1.42 -19.15
CA LEU B 313 -4.23 2.66 -18.41
C LEU B 313 -3.29 2.64 -17.19
N ALA B 314 -2.09 3.20 -17.38
CA ALA B 314 -1.05 3.20 -16.37
C ALA B 314 -0.90 4.58 -15.72
N GLY B 315 -2.02 5.26 -15.51
CA GLY B 315 -1.99 6.59 -14.92
C GLY B 315 -2.19 6.59 -13.42
N HIS B 316 -2.03 5.43 -12.79
CA HIS B 316 -2.21 5.28 -11.35
C HIS B 316 -0.89 4.91 -10.71
N ASP B 317 -0.60 5.55 -9.57
CA ASP B 317 0.65 5.32 -8.85
C ASP B 317 0.53 4.24 -7.77
N ASN B 318 -0.64 3.62 -7.62
CA ASN B 318 -0.84 2.61 -6.60
C ASN B 318 -1.85 1.59 -7.11
N ARG B 319 -2.19 0.63 -6.25
CA ARG B 319 -3.09 -0.44 -6.64
C ARG B 319 -4.43 0.13 -7.12
N VAL B 320 -4.89 -0.38 -8.25
CA VAL B 320 -6.21 -0.03 -8.77
C VAL B 320 -7.24 -0.94 -8.11
N SER B 321 -8.15 -0.35 -7.34
CA SER B 321 -9.10 -1.12 -6.54
C SER B 321 -10.49 -1.17 -7.13
N CYS B 322 -10.84 -0.25 -8.04
CA CYS B 322 -12.19 -0.20 -8.57
C CYS B 322 -12.15 0.31 -10.00
N LEU B 323 -13.21 -0.02 -10.75
CA LEU B 323 -13.33 0.40 -12.14
C LEU B 323 -14.81 0.48 -12.49
N GLY B 324 -15.17 1.45 -13.33
CA GLY B 324 -16.55 1.64 -13.70
C GLY B 324 -16.71 2.37 -15.03
N VAL B 325 -17.69 1.94 -15.82
CA VAL B 325 -17.97 2.52 -17.13
C VAL B 325 -19.34 3.17 -17.07
N THR B 326 -19.44 4.38 -17.61
CA THR B 326 -20.69 5.11 -17.61
C THR B 326 -21.76 4.32 -18.36
N ASP B 327 -23.03 4.62 -18.05
CA ASP B 327 -24.13 3.96 -18.73
C ASP B 327 -24.08 4.23 -20.23
N ASP B 328 -23.81 5.48 -20.61
CA ASP B 328 -23.66 5.81 -22.03
C ASP B 328 -22.33 5.32 -22.61
N GLY B 329 -21.39 4.89 -21.77
CA GLY B 329 -20.12 4.40 -22.25
C GLY B 329 -19.17 5.47 -22.73
N MET B 330 -19.44 6.74 -22.43
CA MET B 330 -18.59 7.82 -22.92
C MET B 330 -17.18 7.72 -22.35
N ALA B 331 -17.06 7.43 -21.05
CA ALA B 331 -15.77 7.40 -20.39
C ALA B 331 -15.77 6.33 -19.30
N VAL B 332 -14.57 5.93 -18.90
CA VAL B 332 -14.37 4.94 -17.85
C VAL B 332 -13.56 5.59 -16.73
N ALA B 333 -14.04 5.46 -15.50
CA ALA B 333 -13.39 6.04 -14.33
C ALA B 333 -12.78 4.92 -13.49
N THR B 334 -11.53 5.11 -13.08
CA THR B 334 -10.79 4.11 -12.31
C THR B 334 -10.29 4.75 -11.03
N GLY B 335 -10.52 4.07 -9.90
CA GLY B 335 -9.97 4.50 -8.63
C GLY B 335 -8.81 3.63 -8.22
N SER B 336 -7.96 4.14 -7.32
CA SER B 336 -6.78 3.40 -6.89
C SER B 336 -6.44 3.79 -5.46
N TRP B 337 -5.46 3.09 -4.89
CA TRP B 337 -5.03 3.36 -3.53
C TRP B 337 -4.27 4.66 -3.38
N ASP B 338 -3.91 5.31 -4.48
CA ASP B 338 -3.19 6.57 -4.41
C ASP B 338 -4.08 7.75 -4.02
N SER B 339 -5.36 7.50 -3.75
CA SER B 339 -6.33 8.51 -3.32
C SER B 339 -6.74 9.44 -4.46
N PHE B 340 -6.62 9.00 -5.71
CA PHE B 340 -7.01 9.79 -6.87
C PHE B 340 -7.83 8.94 -7.81
N LEU B 341 -8.81 9.57 -8.47
CA LEU B 341 -9.65 8.92 -9.45
C LEU B 341 -9.30 9.45 -10.83
N LYS B 342 -9.09 8.55 -11.78
CA LYS B 342 -8.73 8.91 -13.15
C LYS B 342 -9.86 8.53 -14.09
N ILE B 343 -10.30 9.49 -14.90
CA ILE B 343 -11.33 9.28 -15.91
C ILE B 343 -10.66 9.25 -17.27
N TRP B 344 -10.92 8.18 -18.03
CA TRP B 344 -10.26 7.94 -19.30
C TRP B 344 -11.26 7.99 -20.43
N ASN B 345 -10.80 8.46 -21.59
CA ASN B 345 -11.65 8.54 -22.78
C ASN B 345 -10.80 8.47 -24.05
N THR C 6 -25.69 -34.08 13.45
CA THR C 6 -24.77 -32.95 13.14
C THR C 6 -25.24 -32.17 11.92
N ALA C 7 -24.79 -30.91 11.81
CA ALA C 7 -25.15 -30.09 10.67
C ALA C 7 -24.43 -30.50 9.39
N SER C 8 -23.39 -31.31 9.49
CA SER C 8 -22.64 -31.71 8.29
C SER C 8 -23.53 -32.50 7.33
N ILE C 9 -24.34 -33.41 7.85
CA ILE C 9 -25.19 -34.21 6.98
C ILE C 9 -26.26 -33.35 6.32
N ALA C 10 -26.82 -32.39 7.07
CA ALA C 10 -27.79 -31.48 6.49
C ALA C 10 -27.17 -30.63 5.39
N GLN C 11 -25.94 -30.14 5.63
CA GLN C 11 -25.25 -29.37 4.60
C GLN C 11 -24.98 -30.22 3.37
N ALA C 12 -24.59 -31.48 3.57
CA ALA C 12 -24.36 -32.38 2.44
C ALA C 12 -25.65 -32.61 1.65
N ARG C 13 -26.76 -32.81 2.35
CA ARG C 13 -28.04 -32.99 1.66
C ARG C 13 -28.42 -31.75 0.87
N LYS C 14 -28.22 -30.56 1.46
CA LYS C 14 -28.54 -29.32 0.75
C LYS C 14 -27.66 -29.18 -0.49
N LEU C 15 -26.37 -29.49 -0.36
CA LEU C 15 -25.47 -29.40 -1.51
C LEU C 15 -25.88 -30.37 -2.61
N VAL C 16 -26.25 -31.59 -2.23
CA VAL C 16 -26.68 -32.59 -3.21
C VAL C 16 -27.94 -32.12 -3.91
N GLU C 17 -28.90 -31.57 -3.16
CA GLU C 17 -30.12 -31.06 -3.77
C GLU C 17 -29.84 -29.91 -4.72
N GLN C 18 -28.92 -29.01 -4.32
CA GLN C 18 -28.54 -27.90 -5.20
C GLN C 18 -27.90 -28.41 -6.48
N LEU C 19 -27.02 -29.43 -6.36
CA LEU C 19 -26.40 -29.99 -7.55
C LEU C 19 -27.44 -30.62 -8.46
N LYS C 20 -28.41 -31.33 -7.88
CA LYS C 20 -29.48 -31.91 -8.68
C LYS C 20 -30.27 -30.83 -9.42
N MET C 21 -30.62 -29.75 -8.73
CA MET C 21 -31.39 -28.68 -9.39
C MET C 21 -30.57 -28.03 -10.49
N GLU C 22 -29.28 -27.82 -10.25
CA GLU C 22 -28.42 -27.22 -11.27
C GLU C 22 -28.28 -28.13 -12.48
N ALA C 23 -28.20 -29.44 -12.25
CA ALA C 23 -27.92 -30.37 -13.34
C ALA C 23 -29.04 -30.39 -14.39
N ASN C 24 -30.30 -30.25 -13.94
CA ASN C 24 -31.45 -30.43 -14.81
C ASN C 24 -31.81 -29.18 -15.61
N ILE C 25 -30.88 -28.25 -15.79
CA ILE C 25 -31.14 -27.04 -16.56
C ILE C 25 -30.87 -27.31 -18.04
N ASP C 26 -31.57 -26.58 -18.90
CA ASP C 26 -31.32 -26.68 -20.33
C ASP C 26 -30.08 -25.89 -20.70
N ARG C 27 -29.25 -26.47 -21.58
CA ARG C 27 -28.01 -25.86 -22.02
C ARG C 27 -27.97 -25.80 -23.54
N ILE C 28 -27.49 -24.69 -24.07
CA ILE C 28 -27.37 -24.50 -25.51
C ILE C 28 -25.92 -24.72 -25.92
N LYS C 29 -25.71 -24.87 -27.22
CA LYS C 29 -24.36 -25.05 -27.73
C LYS C 29 -23.54 -23.78 -27.58
N VAL C 30 -22.24 -23.95 -27.36
CA VAL C 30 -21.36 -22.80 -27.20
C VAL C 30 -21.31 -21.98 -28.49
N SER C 31 -21.47 -22.63 -29.64
CA SER C 31 -21.44 -21.90 -30.90
C SER C 31 -22.58 -20.90 -30.98
N LYS C 32 -23.78 -21.29 -30.53
CA LYS C 32 -24.90 -20.36 -30.54
C LYS C 32 -24.65 -19.16 -29.64
N ALA C 33 -24.07 -19.40 -28.46
CA ALA C 33 -23.75 -18.29 -27.56
C ALA C 33 -22.71 -17.37 -28.18
N ALA C 34 -21.69 -17.94 -28.82
CA ALA C 34 -20.68 -17.12 -29.48
C ALA C 34 -21.30 -16.29 -30.60
N ALA C 35 -22.20 -16.89 -31.38
CA ALA C 35 -22.86 -16.16 -32.45
C ALA C 35 -23.71 -15.02 -31.89
N ASP C 36 -24.44 -15.28 -30.80
CA ASP C 36 -25.23 -14.22 -30.19
C ASP C 36 -24.35 -13.08 -29.68
N LEU C 37 -23.23 -13.43 -29.04
CA LEU C 37 -22.31 -12.39 -28.57
C LEU C 37 -21.76 -11.58 -29.72
N MET C 38 -21.38 -12.26 -30.82
CA MET C 38 -20.86 -11.55 -31.98
C MET C 38 -21.91 -10.62 -32.57
N ALA C 39 -23.15 -11.09 -32.67
CA ALA C 39 -24.22 -10.24 -33.21
C ALA C 39 -24.43 -9.02 -32.32
N TYR C 40 -24.46 -9.23 -31.00
CA TYR C 40 -24.64 -8.09 -30.10
C TYR C 40 -23.50 -7.09 -30.23
N CYS C 41 -22.25 -7.59 -30.30
CA CYS C 41 -21.12 -6.69 -30.42
C CYS C 41 -21.17 -5.91 -31.73
N GLU C 42 -21.46 -6.60 -32.84
CA GLU C 42 -21.49 -5.93 -34.13
C GLU C 42 -22.61 -4.89 -34.20
N ALA C 43 -23.78 -5.23 -33.66
CA ALA C 43 -24.91 -4.31 -33.70
C ALA C 43 -24.64 -3.05 -32.89
N HIS C 44 -24.01 -3.19 -31.72
CA HIS C 44 -23.75 -2.07 -30.83
C HIS C 44 -22.36 -1.48 -31.01
N ALA C 45 -21.54 -2.01 -31.92
CA ALA C 45 -20.22 -1.46 -32.15
C ALA C 45 -20.29 -0.03 -32.69
N LYS C 46 -21.41 0.36 -33.30
CA LYS C 46 -21.56 1.70 -33.83
C LYS C 46 -21.88 2.73 -32.75
N GLU C 47 -22.16 2.30 -31.53
CA GLU C 47 -22.55 3.19 -30.43
C GLU C 47 -21.66 2.97 -29.22
N ASP C 48 -20.38 2.70 -29.46
CA ASP C 48 -19.41 2.50 -28.38
C ASP C 48 -18.29 3.53 -28.50
N PRO C 49 -18.37 4.66 -27.81
CA PRO C 49 -17.30 5.67 -27.93
C PRO C 49 -15.93 5.13 -27.60
N LEU C 50 -15.82 4.25 -26.60
CA LEU C 50 -14.52 3.69 -26.25
C LEU C 50 -13.95 2.85 -27.39
N LEU C 51 -14.78 2.03 -28.03
CA LEU C 51 -14.30 1.19 -29.12
C LEU C 51 -13.82 2.05 -30.28
N THR C 52 -14.59 3.08 -30.64
CA THR C 52 -14.23 4.00 -31.71
C THR C 52 -14.23 5.42 -31.16
N PRO C 53 -13.07 6.08 -31.05
CA PRO C 53 -13.05 7.43 -30.48
C PRO C 53 -13.96 8.37 -31.26
N VAL C 54 -14.68 9.22 -30.53
CA VAL C 54 -15.57 10.22 -31.12
C VAL C 54 -14.79 11.50 -31.33
N PRO C 55 -15.29 12.44 -32.14
CA PRO C 55 -14.57 13.71 -32.33
C PRO C 55 -14.42 14.44 -31.01
N ALA C 56 -13.32 15.19 -30.88
CA ALA C 56 -13.04 15.91 -29.65
C ALA C 56 -14.19 16.82 -29.26
N SER C 57 -14.83 17.45 -30.25
CA SER C 57 -15.97 18.31 -29.94
C SER C 57 -17.12 17.53 -29.34
N GLU C 58 -17.37 16.32 -29.86
CA GLU C 58 -18.47 15.51 -29.33
C GLU C 58 -18.20 15.06 -27.90
N ASN C 59 -16.96 14.77 -27.56
CA ASN C 59 -16.63 14.30 -26.22
C ASN C 59 -16.84 15.42 -25.21
N PRO C 60 -17.70 15.26 -24.21
CA PRO C 60 -17.93 16.35 -23.25
C PRO C 60 -16.72 16.69 -22.41
N PHE C 61 -15.73 15.80 -22.30
CA PHE C 61 -14.60 16.02 -21.41
C PHE C 61 -13.58 16.99 -21.98
N ARG C 62 -13.71 17.41 -23.23
CA ARG C 62 -12.79 18.37 -23.81
C ARG C 62 -13.25 19.80 -23.53
N GLN D 2 -12.17 -26.58 -11.99
CA GLN D 2 -12.63 -26.59 -10.57
C GLN D 2 -11.51 -27.06 -9.65
N VAL D 3 -11.22 -26.27 -8.62
CA VAL D 3 -10.17 -26.60 -7.66
C VAL D 3 -10.64 -27.81 -6.85
N GLN D 4 -10.01 -28.96 -7.07
CA GLN D 4 -10.36 -30.18 -6.36
C GLN D 4 -9.09 -30.81 -5.79
N LEU D 5 -9.13 -31.15 -4.51
CA LEU D 5 -8.02 -31.79 -3.83
C LEU D 5 -8.52 -33.07 -3.15
N GLN D 6 -7.81 -34.17 -3.36
CA GLN D 6 -8.18 -35.46 -2.81
C GLN D 6 -6.96 -36.12 -2.19
N GLU D 7 -7.19 -36.92 -1.15
CA GLU D 7 -6.12 -37.62 -0.44
C GLU D 7 -6.33 -39.13 -0.52
N SER D 8 -5.23 -39.86 -0.34
CA SER D 8 -5.25 -41.32 -0.34
C SER D 8 -4.34 -41.82 0.78
N GLY D 9 -4.67 -42.99 1.30
CA GLY D 9 -3.90 -43.58 2.38
C GLY D 9 -4.51 -43.28 3.74
N GLY D 10 -4.26 -44.17 4.68
CA GLY D 10 -4.78 -44.03 6.03
C GLY D 10 -4.95 -45.40 6.67
N GLY D 11 -5.99 -45.51 7.49
CA GLY D 11 -6.30 -46.76 8.16
C GLY D 11 -5.58 -46.90 9.48
N LEU D 12 -5.81 -48.05 10.11
CA LEU D 12 -5.23 -48.34 11.42
C LEU D 12 -3.76 -48.68 11.27
N VAL D 13 -2.93 -48.06 12.10
CA VAL D 13 -1.49 -48.32 12.12
C VAL D 13 -1.03 -48.38 13.57
N GLN D 14 -0.21 -49.38 13.88
CA GLN D 14 0.30 -49.51 15.24
C GLN D 14 1.27 -48.37 15.55
N PRO D 15 1.38 -47.97 16.81
CA PRO D 15 2.30 -46.88 17.16
C PRO D 15 3.74 -47.22 16.77
N GLY D 16 4.46 -46.21 16.30
CA GLY D 16 5.83 -46.38 15.85
C GLY D 16 5.96 -46.80 14.40
N GLY D 17 4.85 -47.02 13.70
CA GLY D 17 4.90 -47.42 12.30
C GLY D 17 5.11 -46.24 11.38
N SER D 18 5.05 -46.55 10.07
CA SER D 18 5.26 -45.55 9.03
C SER D 18 4.09 -45.59 8.06
N LEU D 19 3.72 -44.41 7.56
CA LEU D 19 2.63 -44.27 6.61
C LEU D 19 2.96 -43.12 5.65
N ARG D 20 2.42 -43.22 4.44
CA ARG D 20 2.64 -42.21 3.41
C ARG D 20 1.29 -41.71 2.92
N LEU D 21 1.15 -40.39 2.84
CA LEU D 21 -0.06 -39.76 2.33
C LEU D 21 0.17 -39.21 0.93
N SER D 22 -0.82 -39.38 0.07
CA SER D 22 -0.79 -38.89 -1.29
C SER D 22 -1.92 -37.89 -1.49
N CYS D 23 -1.59 -36.74 -2.07
CA CYS D 23 -2.54 -35.65 -2.31
C CYS D 23 -2.64 -35.43 -3.82
N ALA D 24 -3.79 -35.78 -4.40
CA ALA D 24 -4.04 -35.61 -5.81
C ALA D 24 -4.73 -34.27 -6.03
N ALA D 25 -4.09 -33.39 -6.80
CA ALA D 25 -4.61 -32.06 -7.08
C ALA D 25 -4.92 -31.92 -8.57
N SER D 26 -5.99 -31.19 -8.87
CA SER D 26 -6.40 -30.98 -10.24
C SER D 26 -7.19 -29.68 -10.32
N GLY D 27 -7.33 -29.16 -11.54
CA GLY D 27 -8.09 -27.95 -11.78
C GLY D 27 -7.33 -26.67 -11.56
N PHE D 28 -6.04 -26.73 -11.21
CA PHE D 28 -5.26 -25.52 -11.01
C PHE D 28 -3.79 -25.83 -11.25
N THR D 29 -3.00 -24.79 -11.48
CA THR D 29 -1.58 -24.93 -11.72
C THR D 29 -0.89 -25.27 -10.40
N PHE D 30 -0.46 -26.52 -10.27
CA PHE D 30 0.11 -26.98 -9.01
C PHE D 30 1.41 -26.25 -8.69
N SER D 31 2.25 -26.02 -9.68
CA SER D 31 3.58 -25.47 -9.45
C SER D 31 3.55 -24.03 -8.95
N ASN D 32 2.44 -23.31 -9.12
CA ASN D 32 2.37 -21.90 -8.76
C ASN D 32 1.78 -21.67 -7.37
N TYR D 33 1.44 -22.73 -6.64
CA TYR D 33 0.82 -22.61 -5.33
C TYR D 33 1.61 -23.39 -4.29
N LYS D 34 1.90 -22.73 -3.16
CA LYS D 34 2.48 -23.43 -2.02
C LYS D 34 1.45 -24.33 -1.38
N MET D 35 1.86 -25.57 -1.09
CA MET D 35 0.97 -26.57 -0.49
C MET D 35 1.27 -26.71 0.98
N ASN D 36 0.23 -27.05 1.74
CA ASN D 36 0.34 -27.19 3.19
C ASN D 36 -0.44 -28.42 3.64
N TRP D 37 0.00 -29.01 4.75
CA TRP D 37 -0.68 -30.12 5.39
C TRP D 37 -1.16 -29.67 6.77
N VAL D 38 -2.44 -29.86 7.04
CA VAL D 38 -3.03 -29.53 8.33
C VAL D 38 -3.84 -30.72 8.81
N ARG D 39 -3.96 -30.86 10.13
CA ARG D 39 -4.65 -31.99 10.73
C ARG D 39 -5.61 -31.50 11.81
N GLN D 40 -6.66 -32.26 12.04
CA GLN D 40 -7.68 -31.95 13.02
C GLN D 40 -7.96 -33.20 13.84
N ALA D 41 -7.43 -33.26 15.06
CA ALA D 41 -7.63 -34.40 15.92
C ALA D 41 -9.06 -34.41 16.46
N PRO D 42 -9.55 -35.58 16.89
CA PRO D 42 -10.93 -35.65 17.41
C PRO D 42 -11.17 -34.68 18.56
N GLY D 43 -12.10 -33.73 18.35
CA GLY D 43 -12.45 -32.78 19.38
C GLY D 43 -11.55 -31.57 19.48
N LYS D 44 -10.49 -31.50 18.68
CA LYS D 44 -9.55 -30.39 18.71
C LYS D 44 -9.62 -29.62 17.38
N GLY D 45 -8.99 -28.45 17.37
CA GLY D 45 -8.99 -27.61 16.20
C GLY D 45 -7.97 -28.04 15.16
N LEU D 46 -8.01 -27.35 14.02
CA LEU D 46 -7.08 -27.64 12.94
C LEU D 46 -5.67 -27.18 13.31
N GLU D 47 -4.69 -28.04 13.09
CA GLU D 47 -3.31 -27.77 13.44
C GLU D 47 -2.45 -27.87 12.19
N TRP D 48 -1.64 -26.84 11.94
CA TRP D 48 -0.73 -26.86 10.80
C TRP D 48 0.39 -27.86 11.05
N VAL D 49 0.75 -28.60 10.00
CA VAL D 49 1.76 -29.66 10.08
C VAL D 49 3.03 -29.26 9.35
N SER D 50 2.94 -29.02 8.04
CA SER D 50 4.13 -28.72 7.24
C SER D 50 3.70 -27.96 6.00
N ASP D 51 4.69 -27.32 5.36
CA ASP D 51 4.47 -26.58 4.13
C ASP D 51 5.60 -26.86 3.15
N ILE D 52 5.29 -26.70 1.87
CA ILE D 52 6.26 -26.90 0.79
C ILE D 52 6.16 -25.73 -0.18
N SER D 53 7.30 -25.12 -0.49
CA SER D 53 7.31 -23.98 -1.39
C SER D 53 6.89 -24.40 -2.79
N GLN D 54 6.76 -23.42 -3.68
CA GLN D 54 6.35 -23.70 -5.05
C GLN D 54 7.36 -24.61 -5.74
N SER D 55 8.65 -24.31 -5.59
CA SER D 55 9.70 -25.14 -6.17
C SER D 55 10.13 -26.27 -5.25
N GLY D 56 9.71 -26.27 -3.99
CA GLY D 56 10.09 -27.29 -3.05
C GLY D 56 11.44 -27.11 -2.39
N ALA D 57 12.17 -26.04 -2.74
CA ALA D 57 13.49 -25.83 -2.15
C ALA D 57 13.38 -25.55 -0.66
N SER D 58 12.39 -24.78 -0.24
CA SER D 58 12.21 -24.40 1.15
C SER D 58 11.20 -25.33 1.81
N ILE D 59 11.56 -25.89 2.96
CA ILE D 59 10.71 -26.84 3.68
C ILE D 59 10.74 -26.47 5.15
N SER D 60 9.58 -26.54 5.80
CA SER D 60 9.49 -26.30 7.23
C SER D 60 8.41 -27.20 7.82
N TYR D 61 8.58 -27.54 9.09
CA TYR D 61 7.64 -28.38 9.81
C TYR D 61 7.40 -27.78 11.19
N THR D 62 6.26 -28.12 11.79
CA THR D 62 6.00 -27.71 13.15
C THR D 62 7.00 -28.37 14.10
N GLY D 63 7.11 -27.81 15.31
CA GLY D 63 8.13 -28.27 16.23
C GLY D 63 8.01 -29.75 16.56
N SER D 64 6.78 -30.24 16.69
CA SER D 64 6.56 -31.63 17.06
C SER D 64 6.59 -32.59 15.88
N VAL D 65 6.87 -32.10 14.67
CA VAL D 65 6.86 -32.95 13.49
C VAL D 65 8.16 -32.92 12.71
N LYS D 66 8.98 -31.88 12.83
CA LYS D 66 10.20 -31.79 12.01
C LYS D 66 11.08 -33.01 12.24
N GLY D 67 11.61 -33.54 11.16
CA GLY D 67 12.43 -34.74 11.21
C GLY D 67 11.62 -36.02 11.17
N ARG D 68 10.58 -36.11 11.99
CA ARG D 68 9.73 -37.30 12.01
C ARG D 68 9.05 -37.52 10.66
N PHE D 69 8.50 -36.45 10.09
CA PHE D 69 7.78 -36.51 8.82
C PHE D 69 8.63 -35.87 7.73
N THR D 70 8.16 -36.03 6.48
CA THR D 70 8.84 -35.46 5.32
C THR D 70 7.80 -35.13 4.26
N ILE D 71 7.81 -33.89 3.81
CA ILE D 71 6.88 -33.41 2.78
C ILE D 71 7.61 -33.29 1.46
N SER D 72 7.00 -33.80 0.40
CA SER D 72 7.58 -33.72 -0.93
C SER D 72 6.46 -33.47 -1.94
N ARG D 73 6.82 -32.83 -3.05
CA ARG D 73 5.88 -32.51 -4.11
C ARG D 73 6.50 -32.86 -5.46
N ASP D 74 5.64 -33.13 -6.43
CA ASP D 74 6.05 -33.42 -7.80
C ASP D 74 5.21 -32.57 -8.74
N ASN D 75 5.82 -31.51 -9.27
CA ASN D 75 5.10 -30.61 -10.17
C ASN D 75 4.75 -31.26 -11.50
N ALA D 76 5.46 -32.32 -11.88
CA ALA D 76 5.19 -32.99 -13.15
C ALA D 76 3.92 -33.83 -13.10
N LYS D 77 3.71 -34.58 -12.01
CA LYS D 77 2.52 -35.40 -11.86
C LYS D 77 1.39 -34.70 -11.14
N ASN D 78 1.59 -33.47 -10.67
CA ASN D 78 0.55 -32.72 -9.96
C ASN D 78 0.08 -33.48 -8.72
N THR D 79 1.06 -33.84 -7.88
CA THR D 79 0.78 -34.61 -6.67
C THR D 79 1.67 -34.11 -5.55
N LEU D 80 1.17 -34.24 -4.32
CA LEU D 80 1.91 -33.88 -3.12
C LEU D 80 1.91 -35.06 -2.17
N TYR D 81 3.02 -35.25 -1.45
CA TYR D 81 3.21 -36.39 -0.58
C TYR D 81 3.63 -35.93 0.81
N LEU D 82 3.36 -36.78 1.79
CA LEU D 82 3.75 -36.54 3.18
C LEU D 82 4.12 -37.89 3.80
N GLN D 83 5.43 -38.13 3.90
CA GLN D 83 5.93 -39.40 4.46
C GLN D 83 5.79 -39.35 5.98
N MET D 84 4.78 -40.03 6.50
CA MET D 84 4.51 -40.07 7.93
C MET D 84 5.27 -41.26 8.53
N ASN D 85 6.40 -40.98 9.18
CA ASN D 85 7.24 -42.01 9.77
C ASN D 85 7.24 -41.87 11.29
N SER D 86 7.24 -43.02 11.97
CA SER D 86 7.25 -43.07 13.43
C SER D 86 6.04 -42.33 14.00
N LEU D 87 4.85 -42.83 13.66
CA LEU D 87 3.60 -42.20 14.09
C LEU D 87 3.43 -42.36 15.60
N LYS D 88 3.13 -41.26 16.27
CA LYS D 88 2.82 -41.27 17.70
C LYS D 88 1.33 -41.48 17.92
N PRO D 89 0.94 -41.97 19.11
CA PRO D 89 -0.50 -42.17 19.35
C PRO D 89 -1.31 -40.90 19.24
N GLU D 90 -0.73 -39.75 19.62
CA GLU D 90 -1.44 -38.49 19.53
C GLU D 90 -1.53 -37.96 18.10
N ASP D 91 -0.80 -38.54 17.16
CA ASP D 91 -0.82 -38.08 15.78
C ASP D 91 -2.13 -38.41 15.06
N THR D 92 -2.98 -39.24 15.67
CA THR D 92 -4.24 -39.60 15.03
C THR D 92 -5.06 -38.35 14.74
N ALA D 93 -5.38 -38.14 13.47
CA ALA D 93 -6.16 -36.99 13.03
C ALA D 93 -6.38 -37.11 11.53
N VAL D 94 -7.34 -36.33 11.03
CA VAL D 94 -7.61 -36.26 9.60
C VAL D 94 -6.66 -35.22 9.00
N TYR D 95 -5.74 -35.68 8.15
CA TYR D 95 -4.73 -34.82 7.57
C TYR D 95 -5.27 -34.23 6.27
N TYR D 96 -5.39 -32.91 6.22
CA TYR D 96 -5.92 -32.19 5.07
C TYR D 96 -4.78 -31.63 4.23
N CYS D 97 -4.88 -31.81 2.91
CA CYS D 97 -3.92 -31.25 1.96
C CYS D 97 -4.42 -29.87 1.55
N ALA D 98 -3.80 -28.83 2.09
CA ALA D 98 -4.27 -27.46 1.95
C ALA D 98 -3.42 -26.70 0.92
N ARG D 99 -4.10 -25.90 0.11
CA ARG D 99 -3.45 -25.05 -0.88
C ARG D 99 -3.55 -23.59 -0.45
N CYS D 100 -2.50 -22.82 -0.73
CA CYS D 100 -2.51 -21.41 -0.38
C CYS D 100 -3.53 -20.66 -1.23
N PRO D 101 -4.13 -19.60 -0.68
CA PRO D 101 -5.24 -18.94 -1.39
C PRO D 101 -4.87 -18.41 -2.77
N ALA D 102 -3.66 -17.87 -2.93
CA ALA D 102 -3.28 -17.22 -4.17
C ALA D 102 -1.90 -17.67 -4.62
N PRO D 103 -1.61 -17.63 -5.91
CA PRO D 103 -0.28 -17.99 -6.39
C PRO D 103 0.70 -16.83 -6.30
N PHE D 104 1.98 -17.18 -6.22
CA PHE D 104 3.10 -16.25 -6.17
C PHE D 104 3.16 -15.48 -4.86
N THR D 105 2.28 -15.75 -3.91
CA THR D 105 2.24 -15.04 -2.64
C THR D 105 2.87 -15.88 -1.54
N ARG D 106 3.74 -15.26 -0.76
CA ARG D 106 4.38 -15.96 0.35
C ARG D 106 3.42 -16.17 1.52
N ASP D 107 2.44 -15.27 1.70
CA ASP D 107 1.47 -15.42 2.75
C ASP D 107 0.47 -16.53 2.43
N CYS D 108 0.14 -17.32 3.45
CA CYS D 108 -0.77 -18.46 3.33
C CYS D 108 -1.76 -18.46 4.49
N PHE D 109 -2.39 -17.31 4.72
CA PHE D 109 -3.17 -17.03 5.92
C PHE D 109 -4.10 -18.15 6.36
N ASP D 110 -5.08 -18.50 5.52
CA ASP D 110 -6.29 -19.18 5.98
C ASP D 110 -6.27 -20.68 5.70
N VAL D 111 -5.09 -21.31 5.71
CA VAL D 111 -5.06 -22.76 5.55
C VAL D 111 -5.69 -23.45 6.76
N THR D 112 -5.51 -22.89 7.96
CA THR D 112 -6.04 -23.46 9.19
C THR D 112 -7.46 -22.97 9.49
N SER D 113 -8.05 -22.18 8.61
CA SER D 113 -9.37 -21.63 8.87
C SER D 113 -10.41 -22.75 8.98
N THR D 114 -11.48 -22.44 9.72
CA THR D 114 -12.50 -23.45 9.98
C THR D 114 -13.19 -23.89 8.70
N THR D 115 -13.48 -22.94 7.81
CA THR D 115 -14.25 -23.19 6.59
C THR D 115 -13.47 -22.74 5.36
N TYR D 116 -12.20 -23.15 5.29
CA TYR D 116 -11.38 -22.83 4.12
C TYR D 116 -11.90 -23.59 2.89
N ALA D 117 -11.76 -22.95 1.73
CA ALA D 117 -12.32 -23.49 0.49
C ALA D 117 -11.30 -24.24 -0.35
N TYR D 118 -10.01 -23.92 -0.21
CA TYR D 118 -8.97 -24.51 -1.04
C TYR D 118 -8.24 -25.63 -0.28
N ARG D 119 -8.96 -26.35 0.56
CA ARG D 119 -8.36 -27.41 1.36
C ARG D 119 -8.64 -28.78 0.74
N GLY D 120 -7.71 -29.71 0.96
CA GLY D 120 -7.98 -31.10 0.69
C GLY D 120 -8.65 -31.78 1.86
N GLN D 121 -9.66 -32.58 1.54
CA GLN D 121 -10.57 -33.08 2.57
C GLN D 121 -9.94 -34.11 3.48
N GLY D 122 -8.99 -34.90 3.00
CA GLY D 122 -8.16 -35.73 3.85
C GLY D 122 -8.70 -37.11 4.15
N THR D 123 -7.85 -37.93 4.76
CA THR D 123 -8.17 -39.29 5.15
C THR D 123 -7.91 -39.46 6.64
N GLN D 124 -8.81 -40.19 7.30
CA GLN D 124 -8.66 -40.43 8.73
C GLN D 124 -7.46 -41.32 9.00
N VAL D 125 -6.67 -40.95 10.01
CA VAL D 125 -5.49 -41.71 10.41
C VAL D 125 -5.64 -42.06 11.88
N THR D 126 -5.59 -43.35 12.19
CA THR D 126 -5.72 -43.85 13.56
C THR D 126 -4.43 -44.56 13.95
N VAL D 127 -3.89 -44.20 15.12
CA VAL D 127 -2.66 -44.78 15.64
C VAL D 127 -2.98 -45.44 16.97
N SER D 128 -3.09 -46.76 16.97
CA SER D 128 -3.39 -47.50 18.19
C SER D 128 -2.93 -48.94 18.00
N SER D 129 -2.77 -49.64 19.13
CA SER D 129 -2.34 -51.03 19.10
C SER D 129 -3.50 -51.96 18.77
N LYS E 158 46.31 28.93 -18.55
CA LYS E 158 45.91 28.61 -19.95
C LYS E 158 44.41 28.83 -20.15
N VAL E 159 44.02 29.18 -21.38
CA VAL E 159 42.62 29.41 -21.69
C VAL E 159 41.79 28.14 -21.60
N VAL E 160 42.42 26.97 -21.54
CA VAL E 160 41.69 25.71 -21.45
C VAL E 160 40.84 25.65 -20.18
N LEU E 161 41.18 26.46 -19.17
CA LEU E 161 40.40 26.44 -17.94
C LEU E 161 38.94 26.80 -18.18
N LEU E 162 38.65 27.55 -19.24
CA LEU E 162 37.26 27.85 -19.56
C LEU E 162 36.43 26.58 -19.74
N THR E 163 37.05 25.52 -20.26
CA THR E 163 36.33 24.26 -20.42
C THR E 163 35.88 23.70 -19.08
N PHE E 164 36.76 23.75 -18.07
CA PHE E 164 36.40 23.24 -16.75
C PHE E 164 35.29 24.09 -16.12
N LEU E 165 35.42 25.42 -16.20
CA LEU E 165 34.41 26.30 -15.63
C LEU E 165 33.07 26.12 -16.33
N SER E 166 33.09 26.06 -17.66
CA SER E 166 31.85 25.86 -18.41
C SER E 166 31.22 24.50 -18.08
N THR E 167 32.05 23.46 -17.95
CA THR E 167 31.52 22.15 -17.61
C THR E 167 30.88 22.17 -16.23
N VAL E 168 31.52 22.82 -15.26
CA VAL E 168 30.94 22.90 -13.92
C VAL E 168 29.62 23.65 -13.96
N ILE E 169 29.57 24.77 -14.69
CA ILE E 169 28.35 25.55 -14.77
C ILE E 169 27.23 24.72 -15.39
N LEU E 170 27.53 24.04 -16.49
CA LEU E 170 26.53 23.21 -17.15
C LEU E 170 26.05 22.08 -16.24
N MET E 171 26.98 21.45 -15.51
CA MET E 171 26.59 20.38 -14.61
C MET E 171 25.67 20.89 -13.51
N ALA E 172 26.01 22.04 -12.92
CA ALA E 172 25.16 22.60 -11.87
C ALA E 172 23.77 22.95 -12.41
N ILE E 173 23.72 23.59 -13.57
CA ILE E 173 22.44 23.97 -14.15
C ILE E 173 21.60 22.73 -14.46
N LEU E 174 22.24 21.71 -15.05
CA LEU E 174 21.52 20.49 -15.37
C LEU E 174 21.00 19.81 -14.12
N GLY E 175 21.81 19.77 -13.06
CA GLY E 175 21.35 19.15 -11.83
C GLY E 175 20.17 19.88 -11.23
N ASN E 176 20.24 21.21 -11.18
CA ASN E 176 19.13 21.99 -10.64
C ASN E 176 17.87 21.80 -11.46
N LEU E 177 18.00 21.85 -12.79
CA LEU E 177 16.84 21.66 -13.64
C LEU E 177 16.26 20.26 -13.49
N LEU E 178 17.13 19.25 -13.36
CA LEU E 178 16.65 17.89 -13.16
C LEU E 178 15.90 17.77 -11.85
N VAL E 179 16.40 18.39 -10.79
CA VAL E 179 15.70 18.35 -9.51
C VAL E 179 14.32 19.01 -9.65
N MET E 180 14.28 20.19 -10.27
CA MET E 180 13.02 20.91 -10.39
C MET E 180 12.01 20.12 -11.21
N VAL E 181 12.43 19.59 -12.36
CA VAL E 181 11.51 18.86 -13.22
C VAL E 181 11.11 17.52 -12.61
N ALA E 182 11.99 16.88 -11.84
CA ALA E 182 11.60 15.66 -11.15
C ALA E 182 10.56 15.95 -10.07
N VAL E 183 10.72 17.06 -9.34
CA VAL E 183 9.73 17.42 -8.33
C VAL E 183 8.40 17.73 -8.99
N CYS E 184 8.43 18.51 -10.07
CA CYS E 184 7.18 18.89 -10.73
C CYS E 184 6.49 17.69 -11.37
N TRP E 185 7.25 16.86 -12.09
CA TRP E 185 6.66 15.72 -12.79
C TRP E 185 6.08 14.71 -11.81
N ASP E 186 6.80 14.43 -10.73
CA ASP E 186 6.38 13.45 -9.74
C ASP E 186 5.32 14.08 -8.84
N ARG E 187 4.06 13.76 -9.09
CA ARG E 187 2.98 14.28 -8.26
C ARG E 187 3.12 13.87 -6.80
N GLN E 188 3.80 12.75 -6.53
CA GLN E 188 4.03 12.35 -5.14
C GLN E 188 4.94 13.34 -4.42
N LEU E 189 5.95 13.87 -5.12
CA LEU E 189 6.86 14.81 -4.50
C LEU E 189 6.19 16.16 -4.22
N ARG E 190 5.25 16.57 -5.07
CA ARG E 190 4.64 17.88 -4.92
C ARG E 190 3.86 18.00 -3.61
N LYS E 191 3.12 16.96 -3.24
CA LYS E 191 2.23 17.03 -2.09
C LYS E 191 2.98 17.05 -0.76
N ILE E 192 4.28 16.79 -0.75
CA ILE E 192 5.06 16.75 0.49
C ILE E 192 5.65 18.13 0.75
N LYS E 193 5.39 18.67 1.94
CA LYS E 193 5.92 19.98 2.29
C LYS E 193 7.43 19.97 2.37
N THR E 194 8.01 18.85 2.82
CA THR E 194 9.46 18.78 2.97
C THR E 194 10.17 18.99 1.63
N ASN E 195 9.61 18.45 0.56
CA ASN E 195 10.26 18.56 -0.75
C ASN E 195 10.38 19.99 -1.23
N TYR E 196 9.58 20.92 -0.70
CA TYR E 196 9.66 22.31 -1.13
C TYR E 196 11.02 22.91 -0.80
N PHE E 197 11.60 22.57 0.35
CA PHE E 197 12.89 23.11 0.72
C PHE E 197 13.96 22.74 -0.30
N ILE E 198 13.95 21.49 -0.77
CA ILE E 198 14.90 21.08 -1.79
C ILE E 198 14.63 21.84 -3.10
N VAL E 199 13.36 22.10 -3.41
CA VAL E 199 13.04 22.88 -4.60
C VAL E 199 13.60 24.30 -4.48
N SER E 200 13.44 24.92 -3.30
CA SER E 200 13.99 26.25 -3.09
C SER E 200 15.51 26.24 -3.19
N LEU E 201 16.16 25.22 -2.63
CA LEU E 201 17.61 25.12 -2.72
C LEU E 201 18.05 24.97 -4.18
N ALA E 202 17.33 24.16 -4.95
CA ALA E 202 17.66 23.99 -6.36
C ALA E 202 17.47 25.31 -7.11
N PHE E 203 16.41 26.05 -6.81
CA PHE E 203 16.21 27.34 -7.46
C PHE E 203 17.33 28.30 -7.12
N ALA E 204 17.75 28.34 -5.85
CA ALA E 204 18.85 29.20 -5.45
C ALA E 204 20.14 28.82 -6.16
N ASP E 205 20.41 27.51 -6.26
CA ASP E 205 21.62 27.06 -6.94
C ASP E 205 21.58 27.41 -8.43
N LEU E 206 20.42 27.27 -9.06
CA LEU E 206 20.30 27.65 -10.46
C LEU E 206 20.51 29.15 -10.63
N LEU E 207 19.97 29.95 -9.72
CA LEU E 207 20.23 31.39 -9.76
C LEU E 207 21.71 31.68 -9.64
N VAL E 208 22.40 30.96 -8.74
CA VAL E 208 23.84 31.13 -8.61
C VAL E 208 24.52 30.82 -9.94
N SER E 209 24.20 29.67 -10.53
CA SER E 209 24.88 29.23 -11.74
C SER E 209 24.54 30.08 -12.95
N VAL E 210 23.44 30.83 -12.91
CA VAL E 210 23.02 31.63 -14.06
C VAL E 210 23.30 33.12 -13.90
N LEU E 211 23.53 33.61 -12.68
CA LEU E 211 23.77 35.04 -12.47
C LEU E 211 25.06 35.35 -11.72
N VAL E 212 25.85 34.34 -11.34
CA VAL E 212 27.07 34.58 -10.59
C VAL E 212 28.24 33.90 -11.30
N MET E 213 28.12 32.59 -11.53
CA MET E 213 29.23 31.84 -12.11
C MET E 213 29.64 32.35 -13.47
N PRO E 214 28.74 32.57 -14.44
CA PRO E 214 29.20 33.07 -15.75
C PRO E 214 29.93 34.40 -15.66
N PHE E 215 29.45 35.32 -14.83
CA PHE E 215 30.14 36.60 -14.68
C PHE E 215 31.53 36.41 -14.08
N GLY E 216 31.64 35.54 -13.08
CA GLY E 216 32.95 35.25 -12.54
C GLY E 216 33.89 34.67 -13.58
N ALA E 217 33.40 33.70 -14.36
CA ALA E 217 34.23 33.12 -15.41
C ALA E 217 34.67 34.17 -16.41
N ILE E 218 33.77 35.07 -16.79
CA ILE E 218 34.15 36.17 -17.66
C ILE E 218 35.25 37.00 -17.03
N GLU E 219 35.11 37.31 -15.73
CA GLU E 219 36.11 38.12 -15.05
C GLU E 219 37.48 37.46 -15.07
N LEU E 220 37.55 36.17 -14.72
CA LEU E 220 38.84 35.49 -14.69
C LEU E 220 39.44 35.33 -16.09
N VAL E 221 38.65 34.84 -17.05
CA VAL E 221 39.22 34.54 -18.36
C VAL E 221 39.68 35.82 -19.05
N GLN E 222 38.92 36.90 -18.90
CA GLN E 222 39.28 38.17 -19.53
C GLN E 222 40.16 39.04 -18.62
N ASP E 223 39.96 38.95 -17.31
CA ASP E 223 40.66 39.81 -16.35
C ASP E 223 40.30 41.28 -16.55
N ILE E 224 39.17 41.54 -17.19
CA ILE E 224 38.71 42.90 -17.49
C ILE E 224 37.27 43.03 -17.02
N TRP E 225 36.91 44.25 -16.62
CA TRP E 225 35.54 44.59 -16.21
C TRP E 225 35.11 45.80 -17.02
N ILE E 226 34.32 45.55 -18.08
CA ILE E 226 33.87 46.62 -18.96
C ILE E 226 32.47 47.11 -18.60
N TYR E 227 31.85 46.55 -17.56
CA TYR E 227 30.48 46.88 -17.21
C TYR E 227 30.36 48.02 -16.21
N GLY E 228 31.47 48.46 -15.62
CA GLY E 228 31.47 49.60 -14.73
C GLY E 228 31.30 49.23 -13.26
N GLU E 229 31.52 50.24 -12.42
CA GLU E 229 31.46 50.04 -10.97
C GLU E 229 30.06 49.67 -10.52
N VAL E 230 29.04 50.26 -11.15
CA VAL E 230 27.67 49.96 -10.75
C VAL E 230 27.37 48.47 -10.95
N PHE E 231 27.75 47.93 -12.11
CA PHE E 231 27.53 46.52 -12.35
C PHE E 231 28.46 45.64 -11.51
N CYS E 232 29.67 46.10 -11.19
CA CYS E 232 30.51 45.37 -10.26
C CYS E 232 29.81 45.21 -8.91
N LEU E 233 29.26 46.31 -8.40
CA LEU E 233 28.52 46.26 -7.14
C LEU E 233 27.30 45.36 -7.24
N VAL E 234 26.57 45.46 -8.36
CA VAL E 234 25.38 44.62 -8.54
C VAL E 234 25.76 43.15 -8.55
N ARG E 235 26.81 42.79 -9.30
CA ARG E 235 27.28 41.40 -9.34
C ARG E 235 27.60 41.00 -7.93
N THR E 236 28.45 41.72 -7.23
CA THR E 236 28.86 41.32 -5.88
C THR E 236 27.65 41.11 -4.98
N SER E 237 26.67 42.01 -5.06
CA SER E 237 25.47 41.88 -4.25
C SER E 237 24.71 40.61 -4.60
N LEU E 238 24.57 40.31 -5.89
CA LEU E 238 23.90 39.08 -6.30
C LEU E 238 24.64 37.85 -5.80
N ASP E 239 25.98 37.86 -5.93
CA ASP E 239 26.78 36.73 -5.45
C ASP E 239 26.55 36.50 -3.97
N VAL E 240 26.67 37.56 -3.17
CA VAL E 240 26.50 37.41 -1.71
C VAL E 240 25.09 36.95 -1.39
N LEU E 241 24.09 37.57 -2.02
CA LEU E 241 22.70 37.21 -1.78
C LEU E 241 22.46 35.73 -2.04
N LEU E 242 22.86 35.25 -3.22
CA LEU E 242 22.55 33.87 -3.59
C LEU E 242 23.37 32.88 -2.78
N THR E 243 24.64 33.20 -2.49
CA THR E 243 25.44 32.30 -1.66
C THR E 243 24.83 32.15 -0.26
N THR E 244 24.49 33.28 0.37
CA THR E 244 23.89 33.20 1.69
C THR E 244 22.53 32.52 1.64
N ALA E 245 21.76 32.73 0.57
CA ALA E 245 20.48 32.06 0.44
C ALA E 245 20.65 30.55 0.35
N SER E 246 21.63 30.09 -0.43
CA SER E 246 21.89 28.65 -0.53
C SER E 246 22.33 28.08 0.81
N ILE E 247 23.21 28.79 1.51
CA ILE E 247 23.67 28.30 2.81
C ILE E 247 22.51 28.23 3.80
N PHE E 248 21.65 29.25 3.80
CA PHE E 248 20.49 29.24 4.68
C PHE E 248 19.52 28.13 4.31
N HIS E 249 19.37 27.85 3.01
CA HIS E 249 18.52 26.74 2.60
C HIS E 249 19.06 25.42 3.11
N LEU E 250 20.38 25.21 3.00
CA LEU E 250 20.97 23.99 3.55
C LEU E 250 20.75 23.91 5.06
N CYS E 251 20.96 25.01 5.77
CA CYS E 251 20.78 25.01 7.22
C CYS E 251 19.35 24.70 7.60
N CYS E 252 18.37 25.28 6.89
CA CYS E 252 16.98 25.04 7.21
C CYS E 252 16.55 23.64 6.81
N ILE E 253 17.13 23.06 5.76
CA ILE E 253 16.87 21.66 5.43
C ILE E 253 17.34 20.77 6.56
N SER E 254 18.56 21.02 7.06
CA SER E 254 19.07 20.25 8.19
C SER E 254 18.18 20.41 9.41
N LEU E 255 17.75 21.65 9.70
CA LEU E 255 16.91 21.89 10.86
C LEU E 255 15.57 21.20 10.72
N ASP E 256 14.98 21.21 9.52
CA ASP E 256 13.71 20.53 9.31
C ASP E 256 13.86 19.02 9.48
N ARG E 257 14.95 18.45 8.96
CA ARG E 257 15.18 17.03 9.16
C ARG E 257 15.32 16.70 10.64
N TYR E 258 16.08 17.51 11.38
CA TYR E 258 16.24 17.29 12.81
C TYR E 258 14.90 17.39 13.54
N TYR E 259 14.11 18.40 13.20
CA TYR E 259 12.78 18.54 13.81
C TYR E 259 11.96 17.30 13.56
N ALA E 260 11.86 16.88 12.29
CA ALA E 260 11.02 15.75 11.93
C ALA E 260 11.46 14.48 12.67
N ILE E 261 12.77 14.25 12.74
CA ILE E 261 13.26 12.98 13.29
C ILE E 261 13.18 13.00 14.81
N CYS E 262 13.78 13.99 15.45
CA CYS E 262 13.91 13.98 16.91
C CYS E 262 12.78 14.70 17.63
N CYS E 263 12.37 15.88 17.15
CA CYS E 263 11.52 16.75 17.97
C CYS E 263 10.07 16.28 17.98
N GLN E 264 9.41 16.29 16.83
CA GLN E 264 7.99 15.96 16.73
C GLN E 264 7.74 15.04 15.55
N PRO E 265 8.30 13.81 15.60
CA PRO E 265 8.05 12.88 14.50
C PRO E 265 6.58 12.52 14.33
N LEU E 266 5.84 12.42 15.43
CA LEU E 266 4.44 11.99 15.37
C LEU E 266 3.50 13.05 14.83
N VAL E 267 3.84 14.33 14.99
CA VAL E 267 2.98 15.41 14.54
C VAL E 267 3.76 16.31 13.60
N TYR E 268 4.79 15.76 12.95
CA TYR E 268 5.57 16.55 12.00
C TYR E 268 4.72 17.00 10.81
N ARG E 269 3.84 16.12 10.35
CA ARG E 269 3.04 16.44 9.16
C ARG E 269 2.13 17.64 9.40
N ASN E 270 1.67 17.82 10.64
CA ASN E 270 0.79 18.94 10.96
C ASN E 270 1.56 20.20 11.34
N LYS E 271 2.69 20.04 12.04
CA LYS E 271 3.45 21.21 12.47
C LYS E 271 3.97 22.00 11.27
N MET E 272 4.31 21.32 10.17
CA MET E 272 4.81 21.99 8.97
C MET E 272 3.63 22.58 8.19
N THR E 273 3.00 23.58 8.81
CA THR E 273 1.92 24.31 8.16
C THR E 273 2.49 25.18 7.05
N PRO E 274 1.64 25.59 6.09
CA PRO E 274 2.14 26.47 5.03
C PRO E 274 2.75 27.75 5.57
N LEU E 275 2.23 28.26 6.69
CA LEU E 275 2.82 29.47 7.28
C LEU E 275 4.26 29.23 7.70
N ARG E 276 4.55 28.08 8.29
CA ARG E 276 5.92 27.77 8.71
C ARG E 276 6.85 27.72 7.51
N ILE E 277 6.43 27.04 6.43
CA ILE E 277 7.27 26.93 5.24
C ILE E 277 7.50 28.32 4.64
N ALA E 278 6.43 29.12 4.55
CA ALA E 278 6.59 30.46 3.99
C ALA E 278 7.52 31.31 4.83
N LEU E 279 7.39 31.25 6.16
CA LEU E 279 8.26 32.04 7.03
C LEU E 279 9.71 31.61 6.91
N MET E 280 9.97 30.29 6.86
CA MET E 280 11.35 29.84 6.77
C MET E 280 11.96 30.18 5.42
N LEU E 281 11.20 30.04 4.33
CA LEU E 281 11.72 30.45 3.03
C LEU E 281 11.95 31.96 2.97
N GLY E 282 11.07 32.75 3.58
CA GLY E 282 11.29 34.18 3.64
C GLY E 282 12.54 34.54 4.43
N GLY E 283 12.78 33.83 5.53
CA GLY E 283 14.02 34.03 6.26
C GLY E 283 15.24 33.67 5.43
N CYS E 284 15.15 32.58 4.67
CA CYS E 284 16.26 32.18 3.81
C CYS E 284 16.54 33.20 2.73
N TRP E 285 15.50 33.78 2.14
CA TRP E 285 15.66 34.64 0.97
C TRP E 285 15.83 36.12 1.31
N VAL E 286 15.39 36.57 2.48
CA VAL E 286 15.39 38.00 2.80
C VAL E 286 16.59 38.37 3.65
N ILE E 287 16.93 37.55 4.65
CA ILE E 287 18.05 37.84 5.54
C ILE E 287 19.30 38.07 4.71
N PRO E 288 19.55 37.27 3.67
CA PRO E 288 20.68 37.59 2.77
C PRO E 288 20.63 38.99 2.19
N THR E 289 19.43 39.51 1.94
CA THR E 289 19.32 40.86 1.39
C THR E 289 19.92 41.89 2.35
N PHE E 290 19.66 41.74 3.65
CA PHE E 290 20.15 42.70 4.62
C PHE E 290 21.67 42.73 4.69
N ILE E 291 22.35 41.66 4.26
CA ILE E 291 23.80 41.59 4.31
C ILE E 291 24.44 41.69 2.93
N SER E 292 23.72 41.41 1.85
CA SER E 292 24.28 41.41 0.51
C SER E 292 24.05 42.73 -0.20
N PHE E 293 22.78 43.13 -0.38
CA PHE E 293 22.46 44.33 -1.13
C PHE E 293 22.55 45.60 -0.28
N LEU E 294 21.88 45.60 0.87
CA LEU E 294 21.80 46.82 1.67
C LEU E 294 23.17 47.37 2.03
N PRO E 295 24.14 46.57 2.49
CA PRO E 295 25.44 47.14 2.85
C PRO E 295 26.32 47.45 1.65
N ILE E 296 26.28 46.58 0.64
CA ILE E 296 27.18 46.72 -0.50
C ILE E 296 26.78 47.93 -1.35
N MET E 297 25.48 48.13 -1.57
CA MET E 297 25.05 49.26 -2.39
C MET E 297 25.46 50.58 -1.77
N GLN E 298 25.34 50.70 -0.44
CA GLN E 298 25.75 51.90 0.27
C GLN E 298 27.25 51.96 0.52
N GLY E 299 27.98 50.89 0.20
CA GLY E 299 29.42 50.91 0.37
C GLY E 299 29.89 50.82 1.81
N TRP E 300 29.03 50.33 2.71
CA TRP E 300 29.42 50.23 4.12
C TRP E 300 30.57 49.26 4.33
N ASN E 301 30.76 48.31 3.42
CA ASN E 301 31.87 47.36 3.57
C ASN E 301 33.21 47.97 3.21
N ASN E 302 33.24 49.09 2.50
CA ASN E 302 34.48 49.72 2.05
C ASN E 302 34.90 50.91 2.91
N ILE E 303 34.05 51.35 3.83
CA ILE E 303 34.41 52.50 4.66
C ILE E 303 35.53 52.12 5.61
N GLY E 304 36.55 52.98 5.69
CA GLY E 304 37.71 52.74 6.51
C GLY E 304 38.83 51.99 5.82
N ILE E 305 38.59 51.45 4.63
CA ILE E 305 39.59 50.74 3.86
C ILE E 305 39.66 51.25 2.42
N ILE E 306 39.26 52.50 2.19
CA ILE E 306 39.23 53.03 0.83
C ILE E 306 40.62 53.08 0.23
N ASP E 307 41.61 53.54 1.02
CA ASP E 307 42.97 53.65 0.51
C ASP E 307 43.52 52.29 0.12
N LEU E 308 43.14 51.24 0.86
CA LEU E 308 43.54 49.89 0.48
C LEU E 308 42.93 49.50 -0.87
N ILE E 309 41.68 49.89 -1.10
CA ILE E 309 41.01 49.52 -2.35
C ILE E 309 41.76 50.09 -3.55
N GLU E 310 42.18 51.35 -3.47
CA GLU E 310 42.90 51.97 -4.57
C GLU E 310 44.18 51.21 -4.89
N LYS E 311 44.84 50.65 -3.88
CA LYS E 311 46.09 49.94 -4.12
C LYS E 311 45.87 48.73 -5.04
N ARG E 312 44.84 47.94 -4.75
CA ARG E 312 44.58 46.74 -5.56
C ARG E 312 43.65 47.03 -6.73
N LYS E 313 43.02 48.21 -6.78
CA LYS E 313 42.08 48.50 -7.87
C LYS E 313 42.76 48.46 -9.22
N PHE E 314 44.03 48.90 -9.30
CA PHE E 314 44.74 49.00 -10.57
C PHE E 314 46.16 48.52 -10.39
N ASN E 315 46.49 47.39 -11.03
CA ASN E 315 47.88 46.97 -11.20
C ASN E 315 48.37 47.62 -12.49
N GLN E 316 48.93 48.83 -12.35
CA GLN E 316 49.18 49.69 -13.49
C GLN E 316 50.05 49.05 -14.56
N ASN E 317 50.70 47.92 -14.27
CA ASN E 317 51.38 47.19 -15.32
C ASN E 317 50.40 46.76 -16.42
N SER E 318 49.16 46.47 -16.05
CA SER E 318 48.09 46.18 -16.98
C SER E 318 47.01 47.23 -16.85
N ASN E 319 46.61 47.82 -17.99
CA ASN E 319 45.62 48.90 -17.96
C ASN E 319 44.21 48.41 -17.69
N SER E 320 43.97 47.10 -17.69
CA SER E 320 42.63 46.58 -17.49
C SER E 320 42.16 46.84 -16.06
N THR E 321 40.90 47.25 -15.92
CA THR E 321 40.28 47.42 -14.62
C THR E 321 39.38 46.23 -14.33
N TYR E 322 39.48 45.71 -13.11
CA TYR E 322 38.76 44.50 -12.71
C TYR E 322 37.97 44.77 -11.44
N CYS E 323 36.74 44.24 -11.41
CA CYS E 323 35.89 44.37 -10.24
C CYS E 323 36.49 43.62 -9.05
N VAL E 324 36.44 44.24 -7.88
CA VAL E 324 36.97 43.65 -6.66
C VAL E 324 35.93 43.75 -5.56
N PHE E 325 36.06 42.90 -4.55
CA PHE E 325 35.15 42.84 -3.41
C PHE E 325 36.00 42.88 -2.13
N MET E 326 36.15 44.08 -1.58
CA MET E 326 36.90 44.26 -0.35
C MET E 326 35.95 44.33 0.84
N VAL E 327 36.30 43.65 1.92
CA VAL E 327 35.50 43.59 3.13
C VAL E 327 36.35 44.05 4.30
N ASN E 328 35.81 44.97 5.10
CA ASN E 328 36.51 45.44 6.28
C ASN E 328 36.30 44.47 7.45
N LYS E 329 37.00 44.73 8.54
CA LYS E 329 36.91 43.84 9.70
C LYS E 329 35.49 43.68 10.20
N PRO E 330 34.74 44.75 10.50
CA PRO E 330 33.38 44.55 11.02
C PRO E 330 32.44 43.90 10.01
N TYR E 331 32.42 44.40 8.78
CA TYR E 331 31.57 43.79 7.76
C TYR E 331 31.94 42.33 7.53
N ALA E 332 33.23 42.05 7.38
CA ALA E 332 33.66 40.68 7.15
C ALA E 332 33.22 39.78 8.29
N ILE E 333 33.50 40.17 9.53
CA ILE E 333 33.18 39.32 10.68
C ILE E 333 31.68 39.09 10.76
N THR E 334 30.90 40.18 10.70
CA THR E 334 29.46 40.05 10.88
C THR E 334 28.83 39.22 9.77
N CYS E 335 29.21 39.48 8.52
CA CYS E 335 28.62 38.75 7.41
C CYS E 335 29.02 37.27 7.46
N SER E 336 30.28 36.97 7.77
CA SER E 336 30.69 35.58 7.88
C SER E 336 29.92 34.87 8.99
N VAL E 337 29.78 35.53 10.14
CA VAL E 337 29.06 34.92 11.26
C VAL E 337 27.61 34.65 10.87
N VAL E 338 26.98 35.61 10.20
CA VAL E 338 25.57 35.47 9.84
C VAL E 338 25.39 34.39 8.78
N ALA E 339 26.33 34.28 7.83
CA ALA E 339 26.12 33.46 6.65
C ALA E 339 26.61 32.03 6.82
N PHE E 340 27.76 31.82 7.47
CA PHE E 340 28.36 30.49 7.53
C PHE E 340 28.46 29.95 8.94
N TYR E 341 29.04 30.70 9.87
CA TYR E 341 29.41 30.13 11.17
C TYR E 341 28.18 29.73 11.98
N ILE E 342 27.20 30.62 12.12
CA ILE E 342 25.99 30.29 12.87
C ILE E 342 25.23 29.18 12.15
N PRO E 343 24.97 29.29 10.84
CA PRO E 343 24.35 28.16 10.14
C PRO E 343 25.17 26.89 10.22
N PHE E 344 26.50 26.99 10.15
CA PHE E 344 27.34 25.80 10.22
C PHE E 344 27.20 25.11 11.58
N LEU E 345 27.21 25.90 12.66
CA LEU E 345 27.03 25.33 13.98
C LEU E 345 25.65 24.69 14.13
N LEU E 346 24.62 25.36 13.62
CA LEU E 346 23.28 24.79 13.68
C LEU E 346 23.22 23.46 12.94
N MET E 347 23.81 23.41 11.74
CA MET E 347 23.85 22.16 10.97
C MET E 347 24.62 21.08 11.72
N VAL E 348 25.75 21.45 12.34
CA VAL E 348 26.56 20.48 13.05
C VAL E 348 25.75 19.88 14.20
N LEU E 349 25.09 20.73 14.99
CA LEU E 349 24.31 20.23 16.12
C LEU E 349 23.16 19.35 15.64
N ALA E 350 22.43 19.82 14.62
CA ALA E 350 21.28 19.04 14.12
C ALA E 350 21.73 17.68 13.61
N TYR E 351 22.82 17.66 12.83
CA TYR E 351 23.28 16.40 12.26
C TYR E 351 23.90 15.50 13.33
N TYR E 352 24.47 16.07 14.38
CA TYR E 352 24.95 15.24 15.49
C TYR E 352 23.78 14.57 16.19
N ARG E 353 22.70 15.30 16.44
CA ARG E 353 21.51 14.69 17.04
C ARG E 353 20.93 13.63 16.11
N ILE E 354 20.89 13.90 14.82
CA ILE E 354 20.42 12.90 13.85
C ILE E 354 21.30 11.66 13.90
N TYR E 355 22.61 11.85 13.99
CA TYR E 355 23.54 10.73 14.06
C TYR E 355 23.30 9.91 15.32
N VAL E 356 23.07 10.57 16.45
CA VAL E 356 22.82 9.85 17.70
C VAL E 356 21.56 9.01 17.57
N THR E 357 20.49 9.62 17.05
CA THR E 357 19.22 8.89 16.90
C THR E 357 19.38 7.70 15.96
N ALA E 358 20.04 7.94 14.82
CA ALA E 358 20.24 6.87 13.85
C ALA E 358 21.10 5.76 14.42
N LYS E 359 22.13 6.11 15.19
CA LYS E 359 22.98 5.10 15.81
C LYS E 359 22.19 4.26 16.80
N GLU E 360 21.34 4.90 17.60
CA GLU E 360 20.52 4.14 18.54
C GLU E 360 19.59 3.18 17.80
N HIS E 361 18.92 3.68 16.76
CA HIS E 361 18.00 2.84 16.00
C HIS E 361 18.74 1.69 15.35
N ALA E 362 19.92 1.96 14.78
CA ALA E 362 20.69 0.92 14.12
C ALA E 362 21.20 -0.10 15.12
N HIS E 363 21.56 0.33 16.33
CA HIS E 363 21.98 -0.61 17.36
C HIS E 363 20.84 -1.53 17.74
N GLN E 364 19.63 -0.97 17.90
CA GLN E 364 18.47 -1.81 18.19
C GLN E 364 18.22 -2.80 17.06
N ILE E 365 18.28 -2.32 15.82
CA ILE E 365 18.05 -3.19 14.67
C ILE E 365 19.09 -4.30 14.62
N GLN E 366 20.34 -3.97 14.91
CA GLN E 366 21.41 -4.96 14.88
C GLN E 366 21.22 -6.01 15.98
N MET E 367 20.83 -5.59 17.18
CA MET E 367 20.55 -6.56 18.23
C MET E 367 19.43 -7.50 17.83
N LEU E 368 18.35 -6.93 17.26
CA LEU E 368 17.24 -7.78 16.85
C LEU E 368 17.65 -8.74 15.73
N GLN E 369 18.44 -8.26 14.77
CA GLN E 369 18.90 -9.10 13.68
C GLN E 369 19.81 -10.21 14.18
N ARG E 370 20.69 -9.90 15.12
CA ARG E 370 21.54 -10.94 15.70
C ARG E 370 20.71 -11.98 16.43
N ALA E 371 19.68 -11.52 17.16
CA ALA E 371 18.81 -12.46 17.85
C ALA E 371 18.06 -13.36 16.88
N GLY E 372 17.58 -12.80 15.76
CA GLY E 372 16.84 -13.55 14.77
C GLY E 372 17.66 -14.11 13.64
N ALA E 373 18.97 -14.14 13.76
CA ALA E 373 19.83 -14.61 12.68
C ALA E 373 19.53 -16.07 12.35
N SER E 374 19.71 -16.42 11.06
CA SER E 374 19.46 -17.77 10.59
C SER E 374 20.45 -18.79 11.12
N SER E 375 21.54 -18.35 11.73
CA SER E 375 22.54 -19.28 12.27
C SER E 375 21.92 -20.20 13.32
N GLU E 393 24.46 0.73 10.85
CA GLU E 393 24.86 1.74 11.82
C GLU E 393 25.82 2.73 11.18
N THR E 394 26.67 2.24 10.28
CA THR E 394 27.64 3.08 9.60
C THR E 394 27.04 3.81 8.40
N LYS E 395 25.82 3.45 7.98
CA LYS E 395 25.22 4.11 6.82
C LYS E 395 24.92 5.57 7.10
N ALA E 396 24.26 5.85 8.24
CA ALA E 396 23.98 7.23 8.61
C ALA E 396 25.27 8.02 8.82
N ALA E 397 26.25 7.39 9.46
CA ALA E 397 27.53 8.07 9.68
C ALA E 397 28.17 8.44 8.35
N LYS E 398 28.16 7.51 7.39
CA LYS E 398 28.75 7.78 6.09
C LYS E 398 28.00 8.90 5.37
N THR E 399 26.67 8.86 5.41
CA THR E 399 25.89 9.89 4.73
C THR E 399 26.16 11.27 5.31
N LEU E 400 26.11 11.37 6.65
CA LEU E 400 26.36 12.66 7.29
C LEU E 400 27.78 13.13 7.06
N CYS E 401 28.76 12.21 7.10
CA CYS E 401 30.14 12.58 6.83
C CYS E 401 30.28 13.12 5.40
N ILE E 402 29.65 12.46 4.44
CA ILE E 402 29.74 12.93 3.06
C ILE E 402 29.15 14.33 2.94
N ILE E 403 27.95 14.54 3.50
CA ILE E 403 27.29 15.83 3.38
C ILE E 403 28.14 16.93 4.03
N MET E 404 28.58 16.69 5.27
CA MET E 404 29.32 17.72 5.99
C MET E 404 30.69 17.96 5.37
N GLY E 405 31.35 16.92 4.88
CA GLY E 405 32.63 17.11 4.21
C GLY E 405 32.49 17.93 2.93
N CYS E 406 31.45 17.64 2.14
CA CYS E 406 31.20 18.45 0.95
C CYS E 406 30.97 19.91 1.34
N PHE E 407 30.10 20.15 2.33
CA PHE E 407 29.81 21.53 2.73
C PHE E 407 31.06 22.23 3.22
N CYS E 408 31.87 21.56 4.05
CA CYS E 408 33.07 22.18 4.58
C CYS E 408 34.07 22.47 3.47
N LEU E 409 34.41 21.47 2.66
CA LEU E 409 35.37 21.69 1.59
C LEU E 409 34.89 22.75 0.63
N CYS E 410 33.57 22.98 0.54
CA CYS E 410 33.06 24.01 -0.34
C CYS E 410 33.20 25.40 0.27
N TRP E 411 32.79 25.57 1.52
CA TRP E 411 32.61 26.91 2.09
C TRP E 411 33.61 27.27 3.17
N ALA E 412 34.00 26.34 4.04
CA ALA E 412 34.79 26.70 5.22
C ALA E 412 36.09 27.40 4.86
N PRO E 413 36.90 26.93 3.90
CA PRO E 413 38.14 27.65 3.58
C PRO E 413 37.91 29.09 3.19
N PHE E 414 36.87 29.36 2.39
CA PHE E 414 36.61 30.72 1.94
C PHE E 414 36.29 31.63 3.11
N PHE E 415 35.43 31.18 4.02
CA PHE E 415 35.04 32.01 5.15
C PHE E 415 36.18 32.16 6.15
N VAL E 416 37.00 31.12 6.33
CA VAL E 416 38.16 31.25 7.20
C VAL E 416 39.12 32.28 6.63
N THR E 417 39.35 32.25 5.32
CA THR E 417 40.17 33.27 4.69
C THR E 417 39.58 34.66 4.87
N ASN E 418 38.25 34.77 4.72
CA ASN E 418 37.60 36.07 4.89
C ASN E 418 37.80 36.59 6.31
N ILE E 419 37.73 35.72 7.31
CA ILE E 419 37.99 36.14 8.68
C ILE E 419 39.44 36.57 8.85
N VAL E 420 40.38 35.79 8.30
CA VAL E 420 41.79 36.03 8.59
C VAL E 420 42.42 37.06 7.66
N ASP E 421 41.89 37.21 6.43
CA ASP E 421 42.52 38.10 5.47
C ASP E 421 42.61 39.54 5.99
N PRO E 422 41.56 40.13 6.55
CA PRO E 422 41.69 41.53 7.01
C PRO E 422 42.76 41.72 8.07
N PHE E 423 42.95 40.74 8.96
CA PHE E 423 43.92 40.87 10.04
C PHE E 423 45.36 40.73 9.57
N ILE E 424 45.59 40.26 8.34
CA ILE E 424 46.93 40.08 7.81
C ILE E 424 47.18 41.11 6.71
N ASP E 425 46.51 42.26 6.80
CA ASP E 425 46.69 43.36 5.85
C ASP E 425 46.33 42.93 4.43
N TYR E 426 45.36 42.03 4.31
CA TYR E 426 44.86 41.60 3.01
C TYR E 426 45.98 41.13 2.10
N THR E 427 46.88 40.32 2.65
CA THR E 427 48.03 39.82 1.91
C THR E 427 47.79 38.47 1.25
N VAL E 428 46.57 37.92 1.37
CA VAL E 428 46.30 36.62 0.73
C VAL E 428 46.45 36.76 -0.78
N PRO E 429 47.15 35.86 -1.47
CA PRO E 429 47.26 35.99 -2.93
C PRO E 429 45.91 35.79 -3.61
N GLY E 430 45.77 36.42 -4.77
CA GLY E 430 44.52 36.33 -5.51
C GLY E 430 44.18 34.91 -5.92
N GLN E 431 45.19 34.09 -6.18
CA GLN E 431 44.93 32.72 -6.62
C GLN E 431 44.20 31.92 -5.54
N VAL E 432 44.61 32.06 -4.28
CA VAL E 432 43.96 31.32 -3.20
C VAL E 432 42.52 31.80 -3.04
N TRP E 433 42.30 33.10 -3.09
CA TRP E 433 40.95 33.63 -3.02
C TRP E 433 40.09 33.09 -4.15
N THR E 434 40.64 33.04 -5.36
CA THR E 434 39.92 32.49 -6.50
C THR E 434 39.56 31.03 -6.28
N ALA E 435 40.53 30.24 -5.82
CA ALA E 435 40.29 28.81 -5.62
C ALA E 435 39.19 28.60 -4.58
N PHE E 436 39.25 29.34 -3.48
CA PHE E 436 38.23 29.18 -2.44
C PHE E 436 36.87 29.66 -2.94
N LEU E 437 36.83 30.76 -3.70
CA LEU E 437 35.56 31.26 -4.22
C LEU E 437 34.92 30.24 -5.15
N TRP E 438 35.72 29.63 -6.03
CA TRP E 438 35.16 28.60 -6.92
C TRP E 438 34.79 27.34 -6.18
N LEU E 439 35.52 27.00 -5.11
CA LEU E 439 35.09 25.89 -4.26
C LEU E 439 33.73 26.18 -3.65
N GLY E 440 33.48 27.43 -3.27
CA GLY E 440 32.17 27.81 -2.80
C GLY E 440 31.10 27.67 -3.88
N TYR E 441 31.43 28.06 -5.12
CA TYR E 441 30.48 27.93 -6.21
C TYR E 441 30.15 26.47 -6.49
N ILE E 442 31.15 25.58 -6.36
CA ILE E 442 30.93 24.17 -6.62
C ILE E 442 29.84 23.59 -5.71
N ASN E 443 29.58 24.25 -4.57
CA ASN E 443 28.52 23.77 -3.68
C ASN E 443 27.19 23.74 -4.40
N SER E 444 26.88 24.78 -5.18
CA SER E 444 25.62 24.80 -5.91
C SER E 444 25.52 23.63 -6.88
N GLY E 445 26.64 23.20 -7.46
CA GLY E 445 26.61 22.06 -8.36
C GLY E 445 26.54 20.73 -7.65
N LEU E 446 27.08 20.66 -6.43
CA LEU E 446 27.04 19.40 -5.68
C LEU E 446 25.72 19.19 -4.96
N ASN E 447 25.05 20.27 -4.56
CA ASN E 447 23.79 20.14 -3.81
C ASN E 447 22.76 19.29 -4.52
N PRO E 448 22.52 19.45 -5.83
CA PRO E 448 21.57 18.55 -6.50
C PRO E 448 21.92 17.08 -6.35
N PHE E 449 23.20 16.73 -6.37
CA PHE E 449 23.62 15.34 -6.28
C PHE E 449 23.68 14.83 -4.84
N LEU E 450 23.46 15.68 -3.85
CA LEU E 450 23.51 15.29 -2.44
C LEU E 450 22.12 15.03 -1.87
N TYR E 451 21.24 16.02 -1.93
CA TYR E 451 19.92 15.91 -1.31
C TYR E 451 18.92 15.16 -2.18
N ALA E 452 19.22 14.93 -3.45
CA ALA E 452 18.37 14.13 -4.33
C ALA E 452 18.87 12.70 -4.46
N PHE E 453 20.19 12.51 -4.64
CA PHE E 453 20.73 11.15 -4.72
C PHE E 453 20.54 10.41 -3.41
N LEU E 454 20.67 11.10 -2.28
CA LEU E 454 20.57 10.50 -0.96
C LEU E 454 19.13 10.48 -0.43
N ASN E 455 18.14 10.53 -1.30
CA ASN E 455 16.74 10.45 -0.91
C ASN E 455 16.04 9.42 -1.78
N LYS E 456 15.32 8.49 -1.16
CA LYS E 456 14.68 7.42 -1.90
C LYS E 456 13.64 7.97 -2.87
N SER E 457 12.84 8.93 -2.42
CA SER E 457 11.82 9.50 -3.30
C SER E 457 12.45 10.20 -4.50
N PHE E 458 13.53 10.95 -4.27
CA PHE E 458 14.22 11.60 -5.39
C PHE E 458 14.84 10.56 -6.31
N ARG E 459 15.36 9.46 -5.75
CA ARG E 459 15.91 8.40 -6.59
C ARG E 459 14.83 7.82 -7.49
N ARG E 460 13.64 7.56 -6.93
CA ARG E 460 12.55 7.04 -7.74
C ARG E 460 12.13 8.04 -8.81
N ALA E 461 12.04 9.32 -8.46
CA ALA E 461 11.66 10.34 -9.43
C ALA E 461 12.68 10.41 -10.56
N PHE E 462 13.97 10.37 -10.23
CA PHE E 462 15.00 10.40 -11.25
C PHE E 462 14.93 9.18 -12.14
N LEU E 463 14.67 8.00 -11.56
CA LEU E 463 14.55 6.79 -12.36
C LEU E 463 13.37 6.89 -13.33
N ILE E 464 12.23 7.40 -12.86
CA ILE E 464 11.07 7.57 -13.73
C ILE E 464 11.39 8.56 -14.84
N ILE E 465 12.05 9.67 -14.50
CA ILE E 465 12.38 10.67 -15.51
C ILE E 465 13.31 10.07 -16.57
N LEU E 466 14.32 9.32 -16.13
CA LEU E 466 15.23 8.70 -17.09
C LEU E 466 14.50 7.70 -17.98
N CYS E 467 13.64 6.88 -17.38
CA CYS E 467 12.86 5.94 -18.18
C CYS E 467 11.90 6.66 -19.13
N CYS E 468 11.26 7.73 -18.67
CA CYS E 468 10.34 8.49 -19.49
C CYS E 468 9.24 7.61 -20.04
C1 CLR F . 12.30 33.33 -3.97
C2 CLR F . 12.87 34.75 -4.17
C3 CLR F . 13.33 34.94 -5.61
C4 CLR F . 12.16 34.72 -6.54
C5 CLR F . 11.48 33.38 -6.31
C6 CLR F . 10.98 32.77 -7.35
C7 CLR F . 10.55 31.33 -7.28
C8 CLR F . 9.95 30.98 -5.94
C9 CLR F . 10.90 31.43 -4.81
C10 CLR F . 11.13 32.97 -4.89
C11 CLR F . 10.38 31.00 -3.50
C12 CLR F . 10.10 29.55 -3.37
C13 CLR F . 9.16 29.05 -4.49
C14 CLR F . 9.82 29.46 -5.82
C15 CLR F . 8.97 28.78 -6.91
C16 CLR F . 8.65 27.40 -6.16
C17 CLR F . 9.09 27.58 -4.68
C18 CLR F . 7.75 29.65 -4.31
C19 CLR F . 9.91 33.76 -4.45
C20 CLR F . 8.09 26.83 -3.76
C21 CLR F . 8.48 26.99 -2.29
C22 CLR F . 8.14 25.35 -4.12
C23 CLR F . 6.84 24.91 -4.82
C24 CLR F . 7.20 24.00 -6.00
C25 CLR F . 5.94 23.67 -6.79
C26 CLR F . 6.34 22.92 -8.05
C27 CLR F . 5.01 22.81 -5.94
O1 CLR F . 13.82 36.25 -5.78
H11 CLR F . 13.09 32.61 -4.13
H12 CLR F . 11.96 33.25 -2.94
H21 CLR F . 12.11 35.48 -3.94
H22 CLR F . 13.72 34.88 -3.50
H3 CLR F . 14.11 34.23 -5.84
H41 CLR F . 11.43 35.50 -6.39
H42 CLR F . 12.51 34.75 -7.57
H6 CLR F . 10.83 33.31 -8.27
H71 CLR F . 9.82 31.15 -8.05
H72 CLR F . 11.42 30.70 -7.45
H8 CLR F . 8.98 31.45 -5.86
H9 CLR F . 11.86 30.93 -4.97
H111 CLR F . 11.10 31.26 -2.73
H112 CLR F . 9.46 31.52 -3.28
H121 CLR F . 11.04 29.01 -3.42
H122 CLR F . 9.64 29.37 -2.41
H14 CLR F . 10.82 29.04 -5.85
H151 CLR F . 9.56 28.61 -7.81
H152 CLR F . 8.07 29.34 -7.11
H161 CLR F . 7.59 27.21 -6.21
H162 CLR F . 9.20 26.59 -6.62
H17 CLR F . 10.08 27.16 -4.55
H181 CLR F . 7.08 29.25 -5.08
H182 CLR F . 7.38 29.37 -3.34
H183 CLR F . 7.78 30.73 -4.38
H191 CLR F . 9.82 33.72 -3.37
H192 CLR F . 9.02 33.35 -4.90
H193 CLR F . 10.03 34.80 -4.75
H20 CLR F . 7.10 27.20 -3.89
H211 CLR F . 8.10 27.92 -1.91
H212 CLR F . 8.08 26.17 -1.70
H213 CLR F . 9.58 26.99 -2.21
H221 CLR F . 8.98 25.16 -4.77
H222 CLR F . 8.26 24.74 -3.22
H231 CLR F . 6.23 24.37 -4.12
H232 CLR F . 6.30 25.77 -5.19
H241 CLR F . 7.91 24.51 -6.64
H242 CLR F . 7.65 23.08 -5.62
H25 CLR F . 5.44 24.59 -7.06
H261 CLR F . 7.07 23.49 -8.61
H262 CLR F . 5.46 22.78 -8.67
H263 CLR F . 6.76 21.96 -7.79
H271 CLR F . 4.20 23.42 -5.56
H272 CLR F . 4.61 22.01 -6.56
H273 CLR F . 5.56 22.37 -5.11
H1 CLR F . 14.68 36.31 -5.42
C1 CLR G . 31.60 15.89 17.44
C2 CLR G . 30.69 14.67 17.68
C3 CLR G . 31.49 13.36 17.82
C4 CLR G . 32.31 13.09 16.58
C5 CLR G . 32.56 14.33 15.76
C6 CLR G . 32.36 14.29 14.47
C7 CLR G . 33.10 15.21 13.53
C8 CLR G . 33.68 16.42 14.21
C9 CLR G . 32.78 16.82 15.41
C10 CLR G . 32.77 15.66 16.47
C11 CLR G . 33.20 18.11 16.00
C12 CLR G . 33.30 19.23 15.05
C13 CLR G . 34.23 18.88 13.86
C14 CLR G . 33.67 17.59 13.24
C15 CLR G . 34.50 17.39 11.96
C16 CLR G . 34.68 18.91 11.51
C17 CLR G . 34.19 19.79 12.69
C18 CLR G . 35.68 18.72 14.36
C19 CLR G . 34.07 15.59 17.26
C20 CLR G . 35.09 21.07 12.81
C21 CLR G . 34.60 21.93 13.97
C22 CLR G . 34.98 21.90 11.53
C23 CLR G . 36.08 22.96 11.50
C24 CLR G . 35.46 24.31 11.18
C25 CLR G . 36.49 25.41 11.40
C26 CLR G . 35.97 26.70 10.75
C27 CLR G . 36.69 25.66 12.89
O1 CLR G . 32.34 13.46 18.94
H11 CLR G . 32.01 16.20 18.40
H12 CLR G . 30.99 16.69 17.06
H21 CLR G . 30.12 14.83 18.58
H22 CLR G . 30.01 14.57 16.84
H3 CLR G . 30.80 12.55 17.98
H41 CLR G . 31.78 12.37 15.96
H42 CLR G . 33.26 12.68 16.87
H6 CLR G . 31.62 13.60 14.07
H71 CLR G . 33.91 14.65 13.08
H72 CLR G . 32.42 15.54 12.75
H8 CLR G . 34.68 16.19 14.54
H9 CLR G . 31.77 16.94 15.04
H111 CLR G . 32.48 18.39 16.76
H112 CLR G . 34.17 18.00 16.47
H121 CLR G . 32.32 19.47 14.67
H122 CLR G . 33.69 20.09 15.57
H14 CLR G . 32.64 17.78 12.95
H151 CLR G . 35.46 16.93 12.19
H152 CLR G . 33.95 16.82 11.22
H161 CLR G . 34.07 19.11 10.64
H162 CLR G . 35.72 19.12 11.30
H17 CLR G . 33.18 20.08 12.51
H181 CLR G . 35.98 19.61 14.89
H182 CLR G . 36.35 18.57 13.53
H183 CLR G . 35.77 17.87 15.04
H191 CLR G . 34.11 16.41 17.96
H192 CLR G . 34.91 15.65 16.58
H193 CLR G . 34.10 14.65 17.80
H20 CLR G . 36.11 20.80 12.97
H211 CLR G . 34.77 22.98 13.75
H212 CLR G . 33.54 21.77 14.12
H213 CLR G . 35.13 21.66 14.87
H221 CLR G . 35.09 21.26 10.65
H222 CLR G . 34.01 22.38 11.50
H231 CLR G . 36.80 22.71 10.72
H232 CLR G . 36.58 23.00 12.45
H241 CLR G . 35.14 24.32 10.14
H242 CLR G . 34.60 24.48 11.83
H25 CLR G . 37.42 25.13 10.95
H261 CLR G . 35.06 27.02 11.24
H262 CLR G . 36.74 27.47 10.84
H263 CLR G . 35.78 26.52 9.70
H271 CLR G . 35.85 25.26 13.45
H272 CLR G . 36.78 26.72 13.07
H273 CLR G . 37.60 25.16 13.22
H1 CLR G . 31.91 13.12 19.69
C1 CLR H . 23.18 44.56 -16.86
C2 CLR H . 23.47 46.08 -16.92
C3 CLR H . 24.92 46.34 -17.34
C4 CLR H . 25.15 45.72 -18.70
C5 CLR H . 24.79 44.26 -18.72
C6 CLR H . 25.50 43.46 -19.49
C7 CLR H . 25.40 41.97 -19.39
C8 CLR H . 24.00 41.51 -19.10
C9 CLR H . 23.46 42.29 -17.87
C10 CLR H . 23.44 43.82 -18.17
C11 CLR H . 22.13 41.77 -17.46
C12 CLR H . 22.07 40.30 -17.23
C13 CLR H . 22.58 39.51 -18.45
C14 CLR H . 23.99 40.03 -18.74
C15 CLR H . 24.55 39.09 -19.82
C16 CLR H . 23.89 37.71 -19.33
C17 CLR H . 22.86 38.07 -18.23
C18 CLR H . 21.62 39.69 -19.64
C19 CLR H . 22.35 44.20 -19.16
C20 CLR H . 21.64 37.11 -18.33
C21 CLR H . 20.59 37.46 -17.28
C22 CLR H . 22.11 35.68 -18.10
C23 CLR H . 21.82 34.85 -19.36
C24 CLR H . 22.14 33.39 -19.15
C25 CLR H . 23.62 33.17 -18.83
C26 CLR H . 23.90 31.67 -18.78
C27 CLR H . 24.51 33.79 -19.90
O1 CLR H . 25.14 47.73 -17.41
H11 CLR H . 22.14 44.44 -16.59
H12 CLR H . 23.80 44.13 -16.09
H21 CLR H . 23.31 46.51 -15.93
H22 CLR H . 22.81 46.55 -17.62
H3 CLR H . 25.60 45.90 -16.61
H41 CLR H . 24.56 46.25 -19.44
H42 CLR H . 26.21 45.81 -18.95
H6 CLR H . 26.16 43.90 -20.23
H71 CLR H . 25.73 41.53 -20.33
H72 CLR H . 26.05 41.63 -18.59
H8 CLR H . 23.39 41.70 -19.98
H9 CLR H . 24.15 42.11 -17.05
H111 CLR H . 21.84 42.26 -16.54
H112 CLR H . 21.40 42.01 -18.22
H121 CLR H . 22.68 40.06 -16.36
H122 CLR H . 21.04 40.04 -17.03
H14 CLR H . 24.60 39.91 -17.84
H151 CLR H . 24.18 39.37 -20.81
H152 CLR H . 25.62 39.05 -19.79
H161 CLR H . 23.39 37.22 -20.16
H162 CLR H . 24.66 37.07 -18.91
H17 CLR H . 23.33 37.94 -17.26
H181 CLR H . 21.95 39.09 -20.48
H182 CLR H . 21.58 40.72 -19.95
H183 CLR H . 20.62 39.39 -19.35
H191 CLR H . 21.39 44.16 -18.68
H192 CLR H . 22.54 45.22 -19.50
H193 CLR H . 22.37 43.54 -20.02
H20 CLR H . 21.20 37.18 -19.31
H211 CLR H . 19.95 38.25 -17.64
H212 CLR H . 19.97 36.59 -17.08
H213 CLR H . 21.08 37.77 -16.37
H221 CLR H . 23.17 35.67 -17.90
H222 CLR H . 21.59 35.24 -17.26
H231 CLR H . 20.75 34.94 -19.59
H232 CLR H . 22.38 35.25 -20.20
H241 CLR H . 21.55 33.00 -18.32
H242 CLR H . 21.90 32.83 -20.05
H25 CLR H . 23.86 33.60 -17.86
H261 CLR H . 24.91 31.50 -18.40
H262 CLR H . 23.19 31.19 -18.12
H263 CLR H . 23.81 31.26 -19.78
H271 CLR H . 24.75 34.82 -19.62
H272 CLR H . 25.42 33.21 -20.00
H273 CLR H . 23.98 33.80 -20.85
H1 CLR H . 25.98 47.89 -17.82
C1 CLR I . 48.02 31.47 1.99
C2 CLR I . 49.19 32.45 1.78
C3 CLR I . 48.91 33.80 2.41
C4 CLR I . 48.61 33.61 3.90
C5 CLR I . 47.55 32.59 4.15
C6 CLR I . 46.72 32.79 5.15
C7 CLR I . 45.49 31.95 5.34
C8 CLR I . 45.71 30.52 4.94
C9 CLR I . 46.26 30.50 3.49
C10 CLR I . 47.64 31.24 3.44
C11 CLR I . 46.35 29.11 2.97
C12 CLR I . 45.10 28.32 3.06
C13 CLR I . 44.56 28.30 4.52
C14 CLR I . 44.38 29.77 4.93
C15 CLR I . 43.66 29.70 6.28
C16 CLR I . 42.70 28.45 6.01
C17 CLR I . 43.17 27.79 4.70
C18 CLR I . 45.53 27.53 5.42
C19 CLR I . 48.76 30.42 4.09
C20 CLR I . 43.05 26.24 4.80
C21 CLR I . 43.51 25.57 3.51
C22 CLR I . 41.59 25.83 5.03
C23 CLR I . 41.58 24.60 5.95
C24 CLR I . 40.15 24.17 6.26
C25 CLR I . 39.47 25.12 7.25
C26 CLR I . 38.07 24.62 7.52
C27 CLR I . 40.23 25.18 8.57
O1 CLR I . 50.03 34.64 2.27
H11 CLR I . 47.15 31.88 1.47
H12 CLR I . 48.29 30.52 1.53
H21 CLR I . 50.09 32.02 2.24
H22 CLR I . 49.37 32.58 0.71
H3 CLR I . 48.05 34.25 1.94
H41 CLR I . 49.54 33.31 4.40
H42 CLR I . 48.29 34.56 4.30
H6 CLR I . 46.95 33.55 5.88
H71 CLR I . 44.69 32.37 4.72
H72 CLR I . 45.20 31.99 6.38
H8 CLR I . 46.40 30.07 5.64
H9 CLR I . 45.57 31.05 2.86
H111 CLR I . 46.62 29.16 1.92
H112 CLR I . 47.12 28.57 3.50
H121 CLR I . 44.35 28.77 2.41
H122 CLR I . 45.31 27.31 2.73
H14 CLR I . 43.73 30.25 4.21
H151 CLR I . 44.35 29.50 7.09
H152 CLR I . 43.09 30.61 6.47
H161 CLR I . 42.76 27.74 6.82
H162 CLR I . 41.68 28.79 5.89
H17 CLR I . 42.56 28.15 3.87
H181 CLR I . 46.50 28.04 5.48
H182 CLR I . 45.12 27.45 6.42
H183 CLR I . 45.70 26.54 5.03
H191 CLR I . 48.41 29.98 5.02
H192 CLR I . 49.60 31.08 4.30
H193 CLR I . 49.07 29.63 3.42
H20 CLR I . 43.63 25.88 5.62
H211 CLR I . 42.98 24.63 3.39
H212 CLR I . 44.58 25.38 3.56
H213 CLR I . 43.30 26.23 2.67
H221 CLR I . 41.03 26.63 5.49
H222 CLR I . 41.13 25.58 4.08
H231 CLR I . 42.08 23.78 5.44
H232 CLR I . 42.12 24.83 6.86
H241 CLR I . 40.17 23.19 6.69
H242 CLR I . 39.58 24.16 5.34
H25 CLR I . 39.42 26.12 6.82
H261 CLR I . 37.57 24.41 6.57
H262 CLR I . 38.12 23.70 8.11
H263 CLR I . 37.51 25.37 8.07
H271 CLR I . 40.90 26.04 8.57
H272 CLR I . 39.53 25.26 9.39
H273 CLR I . 40.83 24.26 8.69
H1 CLR I . 50.77 34.24 2.67
C1 CLR J . 28.40 49.40 11.03
C2 CLR J . 29.45 50.52 11.00
C3 CLR J . 30.83 49.97 10.63
C4 CLR J . 30.75 49.29 9.28
C5 CLR J . 29.67 48.23 9.23
C6 CLR J . 29.85 47.21 8.44
C7 CLR J . 29.01 45.98 8.56
C8 CLR J . 27.56 46.30 8.84
C9 CLR J . 27.49 47.27 10.04
C10 CLR J . 28.28 48.58 9.74
C11 CLR J . 26.06 47.53 10.39
C12 CLR J . 25.26 46.32 10.67
C13 CLR J . 25.34 45.29 9.52
C14 CLR J . 26.84 45.03 9.26
C15 CLR J . 26.86 43.88 8.24
C16 CLR J . 25.61 43.04 8.78
C17 CLR J . 24.88 43.91 9.83
C18 CLR J . 24.60 45.83 8.28
C19 CLR J . 27.59 49.45 8.69
C20 CLR J . 23.35 43.68 9.74
C21 CLR J . 22.60 44.58 10.72
C22 CLR J . 23.02 42.24 10.12
C23 CLR J . 21.73 41.80 9.41
C24 CLR J . 21.45 40.34 9.72
C25 CLR J . 20.25 40.23 10.66
C26 CLR J . 19.86 38.77 10.80
C27 CLR J . 20.60 40.80 12.02
O1 CLR J . 31.75 51.02 10.56
H11 CLR J . 28.65 48.71 11.85
H12 CLR J . 27.44 49.84 11.25
H21 CLR J . 29.16 51.26 10.25
H22 CLR J . 29.51 50.99 11.97
H3 CLR J . 31.15 49.25 11.38
H41 CLR J . 30.54 50.04 8.52
H42 CLR J . 31.70 48.82 9.06
H6 CLR J . 30.55 47.30 7.62
H71 CLR J . 29.40 45.37 9.37
H72 CLR J . 29.08 45.42 7.63
H8 CLR J . 27.12 46.73 7.95
H9 CLR J . 27.95 46.79 10.90
H111 CLR J . 26.03 48.17 11.26
H112 CLR J . 25.59 48.05 9.57
H121 CLR J . 25.63 45.86 11.59
H122 CLR J . 24.23 46.62 10.81
H14 CLR J . 27.28 44.68 10.18
H151 CLR J . 26.68 44.25 7.24
H152 CLR J . 27.78 43.32 8.30
H161 CLR J . 24.94 42.82 7.95
H162 CLR J . 25.95 42.12 9.23
H17 CLR J . 25.23 43.64 10.81
H181 CLR J . 24.60 45.09 7.49
H182 CLR J . 23.58 46.07 8.55
H183 CLR J . 25.07 46.74 7.92
H191 CLR J . 26.70 49.89 9.12
H192 CLR J . 27.33 48.84 7.83
H193 CLR J . 28.27 50.24 8.38
H20 CLR J . 22.99 43.86 8.74
H211 CLR J . 22.37 45.52 10.24
H212 CLR J . 23.22 44.76 11.58
H213 CLR J . 21.68 44.09 11.03
H221 CLR J . 23.82 41.56 9.83
H222 CLR J . 22.87 42.17 11.19
H231 CLR J . 20.91 42.41 9.75
H232 CLR J . 21.85 41.93 8.33
H241 CLR J . 22.32 39.89 10.19
H242 CLR J . 21.23 39.82 8.80
H25 CLR J . 19.41 40.78 10.23
H261 CLR J . 19.69 38.33 9.82
H262 CLR J . 20.67 38.23 11.30
H263 CLR J . 18.96 38.69 11.39
H271 CLR J . 20.42 41.87 12.02
H272 CLR J . 19.98 40.34 12.78
H273 CLR J . 21.65 40.60 12.25
H1 CLR J . 32.08 51.22 11.42
C1 PLM K . 2.13 27.42 -6.94
O1 PLM K . 1.36 28.38 -6.62
O2 PLM K . 2.32 26.93 -8.08
C2 PLM K . 2.91 26.77 -5.75
C3 PLM K . 2.05 26.19 -4.63
C4 PLM K . 2.86 25.66 -3.44
C5 PLM K . 3.39 26.76 -2.51
C6 PLM K . 4.35 26.26 -1.41
C7 PLM K . 4.71 27.32 -0.36
C8 PLM K . 5.12 28.67 -0.96
C9 PLM K . 5.82 29.60 0.04
CA PLM K . 6.21 30.96 -0.56
CB PLM K . 7.52 31.53 0.00
CC PLM K . 7.79 32.98 -0.45
CD PLM K . 9.22 33.45 -0.15
CE PLM K . 9.48 34.92 -0.53
CF PLM K . 10.95 35.34 -0.44
CG PLM K . 11.17 36.83 -0.71
H21 PLM K . 3.58 26.00 -6.18
H22 PLM K . 3.59 27.55 -5.36
H31 PLM K . 1.35 26.96 -4.28
H32 PLM K . 1.42 25.40 -5.04
H41 PLM K . 3.70 25.05 -3.80
H42 PLM K . 2.23 24.97 -2.85
H51 PLM K . 3.91 27.51 -3.11
H52 PLM K . 2.54 27.27 -2.04
H61 PLM K . 5.27 25.88 -1.88
H62 PLM K . 3.89 25.38 -0.90
H71 PLM K . 3.85 27.46 0.31
H72 PLM K . 5.53 26.93 0.26
H81 PLM K . 5.78 28.50 -1.82
H82 PLM K . 4.22 29.17 -1.35
H91 PLM K . 6.73 29.10 0.41
H92 PLM K . 5.17 29.75 0.91
HA1 PLM K . 5.39 31.68 -0.36
HA2 PLM K . 6.28 30.87 -1.65
HB1 PLM K . 7.49 31.49 1.10
HB2 PLM K . 8.35 30.89 -0.31
HC1 PLM K . 7.60 33.06 -1.53
HC2 PLM K . 7.07 33.66 0.05
HD1 PLM K . 9.93 32.82 -0.69
HD2 PLM K . 9.44 33.32 0.91
HE1 PLM K . 9.11 35.10 -1.55
HE2 PLM K . 8.88 35.57 0.13
HF1 PLM K . 11.53 34.74 -1.17
HF2 PLM K . 11.34 35.08 0.54
HG1 PLM K . 12.23 37.10 -0.64
HG2 PLM K . 10.83 37.11 -1.72
HG3 PLM K . 10.62 37.46 0.01
C1 PLM L . 32.38 1.00 11.68
O1 PLM L . 32.66 1.23 10.46
O2 PLM L . 31.77 0.02 12.17
C2 PLM L . 32.87 2.10 12.68
C3 PLM L . 32.41 3.53 12.38
C4 PLM L . 32.91 4.57 13.40
C5 PLM L . 32.51 6.02 13.04
C6 PLM L . 33.10 7.08 13.97
C7 PLM L . 32.92 8.52 13.48
C8 PLM L . 31.49 9.07 13.64
C9 PLM L . 31.22 10.33 12.80
CA PLM L . 29.85 10.97 13.08
CB PLM L . 29.34 11.83 11.91
CC PLM L . 28.10 12.67 12.24
CD PLM L . 28.34 13.73 13.33
CE PLM L . 27.68 15.08 13.05
CF PLM L . 28.61 16.10 12.36
CG PLM L . 29.36 15.52 11.15
H21 PLM L . 33.98 2.06 12.71
H22 PLM L . 32.54 1.79 13.69
H31 PLM L . 32.74 3.81 11.38
H32 PLM L . 31.31 3.55 12.35
H41 PLM L . 32.51 4.34 14.39
H42 PLM L . 34.00 4.51 13.48
H51 PLM L . 31.41 6.10 13.04
H52 PLM L . 32.83 6.23 12.00
H61 PLM L . 34.17 6.88 14.13
H62 PLM L . 32.63 6.98 14.96
H71 PLM L . 33.62 9.18 14.01
H72 PLM L . 33.20 8.57 12.41
H81 PLM L . 30.77 8.29 13.36
H82 PLM L . 31.31 9.29 14.69
H91 PLM L . 31.29 10.08 11.73
H92 PLM L . 32.01 11.07 12.99
HA1 PLM L . 29.12 10.19 13.30
HA2 PLM L . 29.92 11.59 13.98
HB1 PLM L . 30.15 12.50 11.57
HB2 PLM L . 29.11 11.18 11.06
HC1 PLM L . 27.29 12.01 12.55
HC2 PLM L . 27.75 13.17 11.33
HD1 PLM L . 27.97 13.34 14.30
HD2 PLM L . 29.42 13.87 13.47
HE1 PLM L . 26.79 14.93 12.41
HE2 PLM L . 27.31 15.52 13.98
HF1 PLM L . 29.34 16.46 13.10
HF2 PLM L . 28.02 16.97 12.04
HG1 PLM L . 30.07 14.76 11.45
HG2 PLM L . 29.92 16.31 10.63
HG3 PLM L . 28.66 15.07 10.43
OH SRO M . 33.09 38.39 2.49
CZ3 SRO M . 31.87 37.71 2.56
CH2 SRO M . 31.18 37.64 3.81
CZ2 SRO M . 29.87 36.87 3.76
CE2 SRO M . 29.44 36.33 2.61
NE1 SRO M . 28.32 35.61 2.27
CD1 SRO M . 28.16 35.20 1.03
CG SRO M . 29.28 35.69 0.42
CD2 SRO M . 30.16 36.44 1.39
CE3 SRO M . 31.35 37.11 1.37
CB SRO M . 29.61 35.50 -1.06
CA SRO M . 30.74 34.48 -1.22
NZ SRO M . 30.93 34.17 -2.62
HOH SRO M . 33.35 38.48 1.59
HH2 SRO M . 31.57 38.09 4.71
HZ2 SRO M . 29.27 36.75 4.67
HNE1 SRO M . 27.64 35.39 2.97
HD1 SRO M . 27.35 34.63 0.60
HE3 SRO M . 31.91 37.19 0.45
HB1 SRO M . 29.91 36.45 -1.49
HB2 SRO M . 28.73 35.14 -1.58
HA1 SRO M . 31.66 34.91 -0.81
HA2 SRO M . 30.49 33.58 -0.67
HNZ1 SRO M . 30.07 33.82 -2.99
HNZ2 SRO M . 31.64 33.48 -2.71
#